data_4Y6M
#
_entry.id   4Y6M
#
_cell.length_a   81.220
_cell.length_b   104.600
_cell.length_c   111.680
_cell.angle_alpha   90.000
_cell.angle_beta   90.000
_cell.angle_gamma   90.000
#
_symmetry.space_group_name_H-M   'P 21 21 21'
#
loop_
_entity.id
_entity.type
_entity.pdbx_description
1 polymer Plasmepsin-2
2 non-polymer ~{N}1-[(~{Z},3~{R})-4-[2-(3-methoxyphenyl)propan-2-ylamino]-3-oxidanyl-1-phenyl-but-1-en-2-yl]-5-piperidin-1-yl-~{N}3,~{N}3-dipropyl-benzene-1,3-dicarboxamide
3 non-polymer GLYCEROL
4 water water
#
_entity_poly.entity_id   1
_entity_poly.type   'polypeptide(L)'
_entity_poly.pdbx_seq_one_letter_code
;SSNDNIELVDFQNIMFYGDAEVGDNQQPFTFILDTGSANLWVPSVKCTTAGCLTKHLYDSSKSRTYEKDGTKVEMNYVSG
TVSGFFSKDLVTVGNLSLPYKFIEVIDTNGFEPTYTASTFDGILGLGWKDLSIGSVDPIVVELKNQNKIENALFTFYLPV
HDKHTGFLTIGGIEERFYEGPLTYEKLNHDLYWQITLDAHVGNIMLEKANCIVDSGTSAITVPTDFLNKMLQNLDVIKVP
FLPFYVTLCNNSKLPTFEFTSENGKYTLEPEYYLQHIEDVGPGLCMLNIIGLDFPVPTFILGDPFMRKYFTVFDYDNHSV
GIALAKKNL
;
_entity_poly.pdbx_strand_id   A,B,C
#
# COMPACT_ATOMS: atom_id res chain seq x y z
N SER A 1 15.14 -7.71 -31.99
CA SER A 1 14.05 -7.68 -32.97
C SER A 1 14.22 -6.54 -33.96
N SER A 2 13.71 -6.74 -35.17
CA SER A 2 13.67 -5.71 -36.21
C SER A 2 12.98 -4.42 -35.74
N ASN A 3 12.21 -4.47 -34.66
CA ASN A 3 11.42 -3.31 -34.25
C ASN A 3 12.08 -2.45 -33.17
N ASP A 4 11.52 -1.29 -32.93
CA ASP A 4 11.95 -0.42 -31.86
C ASP A 4 11.13 -0.62 -30.59
N ASN A 5 11.80 -0.99 -29.51
CA ASN A 5 11.12 -1.27 -28.25
C ASN A 5 11.52 -0.28 -27.18
N ILE A 6 10.52 0.29 -26.53
CA ILE A 6 10.73 1.11 -25.35
C ILE A 6 10.06 0.44 -24.16
N GLU A 7 10.84 0.21 -23.11
CA GLU A 7 10.34 -0.50 -21.95
C GLU A 7 9.33 0.33 -21.17
N LEU A 8 8.21 -0.28 -20.84
CA LEU A 8 7.19 0.39 -20.05
C LEU A 8 7.34 0.01 -18.60
N VAL A 9 7.37 1.00 -17.72
CA VAL A 9 7.53 0.75 -16.30
C VAL A 9 6.20 0.96 -15.60
N ASP A 10 5.83 0.00 -14.78
CA ASP A 10 4.59 0.10 -14.05
C ASP A 10 4.77 1.02 -12.87
N PHE A 11 3.70 1.72 -12.51
CA PHE A 11 3.67 2.59 -11.34
C PHE A 11 2.35 2.43 -10.59
N GLN A 12 2.34 1.72 -9.46
CA GLN A 12 1.12 1.47 -8.66
C GLN A 12 -0.05 0.78 -9.37
N ASN A 13 0.22 -0.02 -10.40
CA ASN A 13 -0.83 -0.77 -11.13
C ASN A 13 -1.96 -0.01 -11.80
N ILE A 14 -1.85 1.30 -11.90
CA ILE A 14 -2.88 2.04 -12.59
C ILE A 14 -2.26 2.88 -13.75
N MET A 15 -1.13 3.55 -13.55
CA MET A 15 -0.47 4.23 -14.69
C MET A 15 0.87 3.57 -15.09
N PHE A 16 1.32 3.74 -16.33
CA PHE A 16 2.65 3.27 -16.71
C PHE A 16 3.45 4.40 -17.38
N TYR A 17 4.78 4.25 -17.43
CA TYR A 17 5.65 5.27 -18.04
C TYR A 17 6.76 4.65 -18.90
N GLY A 18 7.34 5.49 -19.76
CA GLY A 18 8.49 5.10 -20.56
C GLY A 18 9.41 6.30 -20.70
N ASP A 19 10.69 6.03 -20.97
CA ASP A 19 11.70 7.07 -21.14
C ASP A 19 12.03 7.35 -22.61
N ALA A 20 12.39 8.60 -22.90
CA ALA A 20 12.88 9.02 -24.22
C ALA A 20 13.80 10.22 -24.04
N GLU A 21 14.54 10.60 -25.07
CA GLU A 21 15.51 11.68 -24.89
C GLU A 21 15.40 12.82 -25.91
N VAL A 22 15.86 14.00 -25.49
CA VAL A 22 15.86 15.17 -26.37
C VAL A 22 17.26 15.75 -26.38
N GLY A 23 17.71 16.18 -27.56
CA GLY A 23 19.05 16.72 -27.70
C GLY A 23 20.00 15.71 -28.28
N ASP A 24 21.08 16.18 -28.90
CA ASP A 24 22.06 15.26 -29.47
C ASP A 24 22.88 14.57 -28.34
N ASN A 25 22.92 15.20 -27.17
CA ASN A 25 23.54 14.57 -25.99
C ASN A 25 22.49 13.72 -25.24
N GLN A 26 21.32 13.58 -25.86
CA GLN A 26 20.22 12.76 -25.34
C GLN A 26 19.86 12.96 -23.86
N GLN A 27 19.37 14.16 -23.53
CA GLN A 27 18.84 14.43 -22.20
C GLN A 27 17.58 13.60 -21.97
N PRO A 28 17.59 12.79 -20.91
CA PRO A 28 16.55 11.78 -20.64
C PRO A 28 15.34 12.36 -19.90
N PHE A 29 14.16 11.87 -20.23
CA PHE A 29 12.93 12.28 -19.56
C PHE A 29 12.00 11.09 -19.36
N THR A 30 11.10 11.19 -18.39
CA THR A 30 10.06 10.20 -18.20
C THR A 30 8.73 10.74 -18.72
N PHE A 31 8.11 10.01 -19.65
CA PHE A 31 6.89 10.46 -20.32
C PHE A 31 5.69 9.59 -20.00
N ILE A 32 4.51 10.20 -19.97
CA ILE A 32 3.30 9.46 -20.23
C ILE A 32 3.25 9.28 -21.73
N LEU A 33 3.20 8.03 -22.16
CA LEU A 33 3.11 7.69 -23.59
C LEU A 33 1.64 7.62 -23.91
N ASP A 34 1.16 8.61 -24.65
CA ASP A 34 -0.27 8.97 -24.62
C ASP A 34 -0.93 8.92 -25.98
N THR A 35 -1.67 7.84 -26.26
CA THR A 35 -2.41 7.75 -27.51
C THR A 35 -3.60 8.72 -27.52
N GLY A 36 -3.87 9.32 -26.36
CA GLY A 36 -4.96 10.27 -26.17
C GLY A 36 -4.60 11.72 -26.41
N SER A 37 -3.36 12.01 -26.79
CA SER A 37 -3.01 13.36 -27.22
C SER A 37 -1.96 13.28 -28.34
N ALA A 38 -1.48 14.42 -28.80
CA ALA A 38 -0.68 14.40 -30.02
C ALA A 38 0.40 15.47 -30.03
N ASN A 39 0.81 15.92 -28.85
CA ASN A 39 1.94 16.83 -28.75
C ASN A 39 2.97 16.26 -27.81
N LEU A 40 4.24 16.49 -28.15
CA LEU A 40 5.36 16.14 -27.30
C LEU A 40 5.83 17.37 -26.53
N TRP A 41 5.94 17.28 -25.21
CA TRP A 41 6.56 18.40 -24.50
C TRP A 41 7.47 17.97 -23.38
N VAL A 42 8.41 18.85 -23.05
CA VAL A 42 9.31 18.65 -21.94
C VAL A 42 9.47 19.97 -21.19
N PRO A 43 9.62 19.91 -19.86
CA PRO A 43 9.84 21.11 -19.08
C PRO A 43 11.24 21.66 -19.31
N SER A 44 11.34 22.98 -19.42
CA SER A 44 12.61 23.65 -19.69
C SER A 44 13.41 23.98 -18.43
N VAL A 45 14.73 24.14 -18.57
CA VAL A 45 15.53 24.73 -17.50
C VAL A 45 15.11 26.18 -17.28
N LYS A 46 14.44 26.75 -18.28
CA LYS A 46 13.93 28.11 -18.19
C LYS A 46 12.65 28.15 -17.37
N CYS A 47 12.13 26.98 -17.02
CA CYS A 47 10.98 26.88 -16.14
C CYS A 47 11.47 26.89 -14.70
N THR A 48 10.99 27.82 -13.89
CA THR A 48 11.49 27.94 -12.51
C THR A 48 10.42 27.67 -11.45
N THR A 49 9.27 27.14 -11.85
CA THR A 49 8.22 26.81 -10.91
C THR A 49 8.66 25.73 -9.92
N ALA A 50 7.94 25.65 -8.81
CA ALA A 50 8.23 24.63 -7.80
C ALA A 50 8.15 23.23 -8.40
N GLY A 51 7.18 23.02 -9.27
CA GLY A 51 6.99 21.71 -9.88
C GLY A 51 8.15 21.32 -10.77
N CYS A 52 8.62 22.27 -11.59
CA CYS A 52 9.73 22.00 -12.50
C CYS A 52 11.02 21.64 -11.79
N LEU A 53 11.24 22.21 -10.60
CA LEU A 53 12.47 21.96 -9.86
C LEU A 53 12.55 20.51 -9.38
N THR A 54 11.42 19.79 -9.47
CA THR A 54 11.38 18.40 -9.07
C THR A 54 11.53 17.47 -10.27
N LYS A 55 11.65 18.05 -11.46
CA LYS A 55 11.65 17.29 -12.71
C LYS A 55 12.99 17.26 -13.43
N HIS A 56 13.12 16.33 -14.37
CA HIS A 56 14.21 16.41 -15.35
C HIS A 56 13.92 17.52 -16.34
N LEU A 57 14.89 18.40 -16.57
CA LEU A 57 14.66 19.57 -17.42
C LEU A 57 15.50 19.57 -18.69
N TYR A 58 14.95 20.17 -19.74
CA TYR A 58 15.60 20.25 -21.05
C TYR A 58 16.40 21.54 -21.21
N ASP A 59 17.69 21.40 -21.47
CA ASP A 59 18.60 22.53 -21.68
C ASP A 59 19.01 22.57 -23.13
N SER A 60 18.45 23.49 -23.90
CA SER A 60 18.75 23.55 -25.33
C SER A 60 20.21 23.90 -25.60
N SER A 61 20.84 24.61 -24.68
CA SER A 61 22.21 25.06 -24.94
C SER A 61 23.22 23.91 -24.93
N LYS A 62 22.81 22.74 -24.42
CA LYS A 62 23.73 21.63 -24.32
C LYS A 62 23.54 20.71 -25.53
N SER A 63 22.62 21.10 -26.42
CA SER A 63 22.38 20.34 -27.63
C SER A 63 22.79 21.11 -28.88
N ARG A 64 23.70 20.51 -29.64
CA ARG A 64 24.18 21.12 -30.87
C ARG A 64 23.14 21.05 -31.99
N THR A 65 22.14 20.19 -31.83
CA THR A 65 21.18 19.99 -32.91
C THR A 65 19.92 20.77 -32.63
N TYR A 66 19.94 21.55 -31.55
CA TYR A 66 18.82 22.39 -31.23
C TYR A 66 18.64 23.49 -32.27
N GLU A 67 17.41 23.70 -32.71
CA GLU A 67 17.08 24.81 -33.57
C GLU A 67 15.84 25.54 -33.07
N LYS A 68 15.98 26.86 -33.03
CA LYS A 68 15.00 27.78 -32.47
C LYS A 68 13.74 27.82 -33.31
N ASP A 69 12.62 27.97 -32.60
CA ASP A 69 11.34 28.26 -33.22
C ASP A 69 10.76 29.45 -32.45
N GLY A 70 10.38 29.23 -31.19
CA GLY A 70 9.94 30.32 -30.33
C GLY A 70 8.46 30.65 -30.38
N THR A 71 7.75 30.08 -31.36
CA THR A 71 6.30 30.30 -31.45
C THR A 71 5.59 29.92 -30.15
N LYS A 72 4.90 30.89 -29.56
CA LYS A 72 4.26 30.66 -28.26
C LYS A 72 3.14 29.66 -28.40
N VAL A 73 2.96 28.83 -27.38
CA VAL A 73 1.99 27.76 -27.44
C VAL A 73 1.42 27.40 -26.06
N GLU A 74 0.17 27.01 -26.01
CA GLU A 74 -0.44 26.65 -24.74
C GLU A 74 -1.24 25.36 -24.87
N MET A 75 -0.88 24.35 -24.07
CA MET A 75 -1.59 23.07 -24.05
C MET A 75 -2.59 23.04 -22.92
N ASN A 76 -3.85 22.81 -23.25
CA ASN A 76 -4.93 22.81 -22.28
C ASN A 76 -5.47 21.39 -22.11
N TYR A 77 -5.05 20.75 -21.03
CA TYR A 77 -5.54 19.42 -20.73
C TYR A 77 -6.72 19.56 -19.82
N VAL A 78 -7.46 18.48 -19.65
CA VAL A 78 -8.60 18.46 -18.74
C VAL A 78 -8.20 18.88 -17.32
N SER A 79 -7.09 18.32 -16.84
CA SER A 79 -6.53 18.68 -15.55
C SER A 79 -6.15 20.14 -15.49
N GLY A 80 -5.47 20.60 -16.54
CA GLY A 80 -4.94 21.94 -16.54
C GLY A 80 -3.95 22.26 -17.65
N THR A 81 -3.23 23.35 -17.45
CA THR A 81 -2.45 23.97 -18.51
C THR A 81 -0.96 24.04 -18.27
N VAL A 82 -0.20 23.71 -19.32
CA VAL A 82 1.22 24.02 -19.43
C VAL A 82 1.43 24.95 -20.63
N SER A 83 2.33 25.91 -20.49
CA SER A 83 2.56 26.83 -21.59
C SER A 83 4.06 27.04 -21.81
N GLY A 84 4.40 27.40 -23.05
CA GLY A 84 5.78 27.62 -23.46
C GLY A 84 5.86 28.02 -24.92
N PHE A 85 6.89 27.54 -25.60
CA PHE A 85 7.10 27.84 -27.01
C PHE A 85 7.61 26.60 -27.74
N PHE A 86 7.45 26.57 -29.06
CA PHE A 86 7.94 25.44 -29.84
C PHE A 86 9.45 25.47 -29.99
N SER A 87 10.02 24.28 -30.09
CA SER A 87 11.44 24.10 -30.34
C SER A 87 11.63 22.87 -31.19
N LYS A 88 12.76 22.81 -31.87
CA LYS A 88 13.09 21.64 -32.65
C LYS A 88 14.45 21.12 -32.19
N ASP A 89 14.54 19.82 -32.01
CA ASP A 89 15.79 19.18 -31.63
C ASP A 89 15.67 17.71 -31.98
N LEU A 90 16.74 16.97 -31.78
CA LEU A 90 16.74 15.54 -32.02
C LEU A 90 15.95 14.83 -30.92
N VAL A 91 14.93 14.06 -31.30
CA VAL A 91 14.20 13.28 -30.32
C VAL A 91 14.61 11.82 -30.52
N THR A 92 14.93 11.13 -29.43
CA THR A 92 15.35 9.74 -29.50
C THR A 92 14.36 8.88 -28.72
N VAL A 93 13.79 7.90 -29.41
CA VAL A 93 12.87 6.95 -28.81
C VAL A 93 13.43 5.55 -29.06
N GLY A 94 13.75 4.82 -27.99
CA GLY A 94 14.39 3.53 -28.16
C GLY A 94 15.71 3.69 -28.88
N ASN A 95 15.92 2.95 -29.95
CA ASN A 95 17.17 3.08 -30.69
C ASN A 95 17.02 3.84 -32.02
N LEU A 96 15.95 4.63 -32.12
CA LEU A 96 15.75 5.53 -33.25
C LEU A 96 15.75 7.01 -32.84
N SER A 97 16.23 7.86 -33.72
CA SER A 97 16.20 9.29 -33.45
C SER A 97 15.75 10.05 -34.69
N LEU A 98 15.16 11.23 -34.49
CA LEU A 98 14.72 12.07 -35.59
C LEU A 98 14.61 13.51 -35.14
N PRO A 99 14.90 14.46 -36.04
CA PRO A 99 14.67 15.85 -35.66
C PRO A 99 13.17 16.11 -35.58
N TYR A 100 12.73 16.72 -34.50
CA TYR A 100 11.32 16.75 -34.21
C TYR A 100 10.93 18.04 -33.51
N LYS A 101 9.71 18.48 -33.80
CA LYS A 101 9.16 19.68 -33.20
C LYS A 101 8.41 19.32 -31.92
N PHE A 102 8.69 20.04 -30.84
CA PHE A 102 8.06 19.80 -29.55
C PHE A 102 7.92 21.11 -28.78
N ILE A 103 7.28 21.03 -27.61
CA ILE A 103 7.05 22.23 -26.83
C ILE A 103 7.98 22.30 -25.62
N GLU A 104 8.71 23.41 -25.50
CA GLU A 104 9.46 23.67 -24.28
C GLU A 104 8.54 24.35 -23.31
N VAL A 105 8.22 23.67 -22.24
CA VAL A 105 7.33 24.23 -21.25
C VAL A 105 8.11 25.08 -20.25
N ILE A 106 7.69 26.32 -20.12
CA ILE A 106 8.32 27.25 -19.20
C ILE A 106 7.41 27.53 -17.98
N ASP A 107 6.12 27.23 -18.10
CA ASP A 107 5.19 27.52 -16.98
C ASP A 107 4.37 26.29 -16.62
N THR A 108 4.40 25.93 -15.35
CA THR A 108 3.79 24.70 -14.87
C THR A 108 2.74 24.88 -13.76
N ASN A 109 2.70 26.08 -13.19
CA ASN A 109 1.80 26.41 -12.08
C ASN A 109 0.31 26.13 -12.32
N GLY A 110 -0.14 26.21 -13.56
CA GLY A 110 -1.54 25.99 -13.89
C GLY A 110 -1.91 24.51 -14.03
N PHE A 111 -0.94 23.67 -13.70
CA PHE A 111 -1.05 22.23 -13.84
C PHE A 111 -0.67 21.54 -12.54
N GLU A 112 -1.00 22.19 -11.43
CA GLU A 112 -0.69 21.67 -10.11
C GLU A 112 -1.97 21.44 -9.33
N PRO A 113 -1.96 20.53 -8.35
CA PRO A 113 -0.81 19.75 -7.88
C PRO A 113 -0.61 18.46 -8.67
N THR A 114 -1.28 18.34 -9.82
CA THR A 114 -1.16 17.16 -10.65
C THR A 114 0.29 16.86 -11.06
N TYR A 115 0.98 17.90 -11.49
CA TYR A 115 2.32 17.76 -12.05
C TYR A 115 3.32 17.26 -11.01
N THR A 116 3.33 17.89 -9.85
CA THR A 116 4.26 17.49 -8.80
C THR A 116 3.93 16.09 -8.26
N ALA A 117 2.65 15.76 -8.16
CA ALA A 117 2.25 14.44 -7.66
C ALA A 117 2.70 13.29 -8.58
N SER A 118 2.95 13.60 -9.85
CA SER A 118 3.20 12.57 -10.83
C SER A 118 4.67 12.29 -11.09
N THR A 119 4.98 11.16 -11.70
CA THR A 119 6.38 10.80 -11.88
C THR A 119 6.85 11.01 -13.32
N PHE A 120 6.01 11.59 -14.17
CA PHE A 120 6.45 11.95 -15.51
C PHE A 120 7.04 13.35 -15.53
N ASP A 121 7.92 13.61 -16.49
CA ASP A 121 8.48 14.94 -16.71
C ASP A 121 7.63 15.65 -17.74
N GLY A 122 7.20 14.92 -18.76
CA GLY A 122 6.44 15.48 -19.85
C GLY A 122 5.50 14.45 -20.46
N ILE A 123 4.86 14.81 -21.57
CA ILE A 123 3.94 13.93 -22.28
C ILE A 123 4.34 13.80 -23.74
N LEU A 124 4.33 12.57 -24.24
CA LEU A 124 4.66 12.27 -25.62
C LEU A 124 3.39 11.72 -26.27
N GLY A 125 2.72 12.58 -27.02
CA GLY A 125 1.47 12.24 -27.65
C GLY A 125 1.71 11.23 -28.76
N LEU A 126 0.71 10.40 -29.00
CA LEU A 126 0.82 9.37 -30.03
C LEU A 126 -0.44 9.34 -30.86
N GLY A 127 -1.18 10.45 -30.88
CA GLY A 127 -2.41 10.52 -31.66
C GLY A 127 -2.13 10.90 -33.09
N TRP A 128 -3.15 11.39 -33.79
CA TRP A 128 -3.06 11.76 -35.19
C TRP A 128 -2.78 13.26 -35.31
N LYS A 129 -2.34 13.66 -36.49
CA LYS A 129 -1.86 15.02 -36.72
C LYS A 129 -2.87 16.11 -36.39
N ASP A 130 -4.13 15.92 -36.78
CA ASP A 130 -5.15 16.95 -36.55
C ASP A 130 -5.44 17.15 -35.08
N LEU A 131 -4.96 16.24 -34.24
CA LEU A 131 -5.19 16.34 -32.80
C LEU A 131 -4.11 17.19 -32.16
N SER A 132 -3.01 17.42 -32.86
CA SER A 132 -1.91 18.16 -32.25
C SER A 132 -2.11 19.66 -32.38
N ILE A 133 -1.62 20.39 -31.39
CA ILE A 133 -1.51 21.82 -31.57
C ILE A 133 -0.26 22.10 -32.40
N GLY A 134 -0.43 22.90 -33.44
CA GLY A 134 0.67 23.25 -34.34
C GLY A 134 0.85 22.24 -35.45
N SER A 135 -0.10 21.29 -35.54
CA SER A 135 -0.15 20.29 -36.62
C SER A 135 1.13 19.50 -36.85
N VAL A 136 1.65 18.92 -35.79
CA VAL A 136 2.90 18.21 -35.85
C VAL A 136 2.65 16.79 -36.34
N ASP A 137 3.43 16.38 -37.33
CA ASP A 137 3.35 15.03 -37.85
C ASP A 137 3.70 14.08 -36.71
N PRO A 138 2.87 13.03 -36.53
CA PRO A 138 3.21 12.05 -35.50
C PRO A 138 4.58 11.43 -35.70
N ILE A 139 5.28 11.20 -34.60
CA ILE A 139 6.62 10.63 -34.61
C ILE A 139 6.70 9.36 -35.46
N VAL A 140 5.72 8.49 -35.30
CA VAL A 140 5.76 7.18 -35.92
C VAL A 140 5.56 7.30 -37.44
N VAL A 141 4.76 8.28 -37.84
CA VAL A 141 4.60 8.53 -39.26
C VAL A 141 5.90 9.05 -39.87
N GLU A 142 6.52 10.02 -39.20
CA GLU A 142 7.80 10.57 -39.66
C GLU A 142 8.86 9.46 -39.72
N LEU A 143 8.96 8.64 -38.68
CA LEU A 143 9.92 7.54 -38.68
C LEU A 143 9.66 6.61 -39.88
N LYS A 144 8.40 6.40 -40.22
CA LYS A 144 8.05 5.60 -41.41
C LYS A 144 8.47 6.28 -42.71
N ASN A 145 8.13 7.56 -42.86
CA ASN A 145 8.52 8.36 -44.01
C ASN A 145 10.03 8.37 -44.20
N GLN A 146 10.77 8.22 -43.11
CA GLN A 146 12.24 8.23 -43.19
C GLN A 146 12.84 6.84 -43.31
N ASN A 147 11.99 5.84 -43.59
CA ASN A 147 12.37 4.43 -43.69
C ASN A 147 13.25 3.93 -42.56
N LYS A 148 12.93 4.34 -41.34
CA LYS A 148 13.61 3.87 -40.14
C LYS A 148 12.78 2.75 -39.47
N ILE A 149 11.56 2.54 -39.94
CA ILE A 149 10.74 1.41 -39.52
C ILE A 149 10.00 0.86 -40.73
N GLU A 150 9.50 -0.37 -40.62
CA GLU A 150 8.84 -1.05 -41.73
C GLU A 150 7.40 -0.60 -41.95
N ASN A 151 6.69 -0.35 -40.85
CA ASN A 151 5.30 0.06 -40.90
C ASN A 151 5.07 1.26 -40.03
N ALA A 152 4.16 2.14 -40.44
CA ALA A 152 3.77 3.25 -39.58
C ALA A 152 2.74 2.72 -38.57
N LEU A 153 3.23 1.99 -37.58
CA LEU A 153 2.36 1.51 -36.52
C LEU A 153 3.14 1.32 -35.23
N PHE A 154 2.43 1.34 -34.12
CA PHE A 154 3.02 1.02 -32.82
C PHE A 154 2.05 0.18 -32.02
N THR A 155 2.58 -0.48 -31.00
CA THR A 155 1.80 -1.43 -30.21
C THR A 155 2.13 -1.21 -28.76
N PHE A 156 1.14 -1.45 -27.90
CA PHE A 156 1.29 -1.36 -26.46
C PHE A 156 1.09 -2.73 -25.80
N TYR A 157 2.10 -3.17 -25.06
CA TYR A 157 1.97 -4.34 -24.21
C TYR A 157 2.21 -3.84 -22.80
N LEU A 158 1.15 -3.74 -22.01
CA LEU A 158 1.28 -3.06 -20.72
C LEU A 158 1.93 -3.95 -19.69
N PRO A 159 2.71 -3.33 -18.79
CA PRO A 159 3.34 -4.00 -17.64
C PRO A 159 2.33 -4.38 -16.58
N VAL A 160 2.61 -5.45 -15.85
CA VAL A 160 1.81 -5.82 -14.68
C VAL A 160 2.77 -5.92 -13.47
N HIS A 161 2.45 -5.29 -12.35
CA HIS A 161 3.28 -5.22 -11.12
C HIS A 161 4.12 -6.48 -10.80
N ASP A 162 5.45 -6.38 -10.85
CA ASP A 162 6.44 -7.47 -10.69
C ASP A 162 6.06 -8.85 -11.25
N LYS A 163 5.40 -8.89 -12.40
CA LYS A 163 5.19 -10.16 -13.11
C LYS A 163 5.90 -10.05 -14.41
N HIS A 164 5.76 -8.92 -15.09
CA HIS A 164 6.52 -8.63 -16.29
C HIS A 164 6.55 -7.14 -16.57
N THR A 165 7.57 -6.70 -17.27
CA THR A 165 7.63 -5.33 -17.72
C THR A 165 6.77 -5.16 -18.96
N GLY A 166 6.68 -3.93 -19.48
CA GLY A 166 5.87 -3.70 -20.66
C GLY A 166 6.66 -3.10 -21.83
N PHE A 167 6.03 -3.04 -22.99
CA PHE A 167 6.68 -2.47 -24.15
C PHE A 167 5.77 -1.62 -25.00
N LEU A 168 6.29 -0.44 -25.36
CA LEU A 168 5.81 0.29 -26.51
C LEU A 168 6.68 -0.18 -27.67
N THR A 169 6.08 -0.87 -28.65
CA THR A 169 6.85 -1.35 -29.79
C THR A 169 6.52 -0.51 -31.03
N ILE A 170 7.54 0.00 -31.68
CA ILE A 170 7.36 0.84 -32.85
C ILE A 170 7.87 0.13 -34.08
N GLY A 171 7.04 -0.01 -35.10
CA GLY A 171 7.50 -0.51 -36.38
C GLY A 171 6.93 -1.83 -36.88
N GLY A 172 6.45 -2.68 -35.96
CA GLY A 172 5.85 -3.96 -36.32
C GLY A 172 5.15 -4.68 -35.16
N ILE A 173 4.34 -5.67 -35.52
CA ILE A 173 3.57 -6.45 -34.55
C ILE A 173 4.32 -7.70 -34.16
N GLU A 174 4.54 -7.89 -32.86
CA GLU A 174 5.29 -9.06 -32.39
C GLU A 174 4.36 -10.05 -31.67
N GLU A 175 4.33 -11.26 -32.19
CA GLU A 175 3.42 -12.30 -31.70
C GLU A 175 3.70 -12.72 -30.26
N ARG A 176 4.88 -12.39 -29.73
CA ARG A 176 5.19 -12.72 -28.35
C ARG A 176 4.30 -11.98 -27.36
N PHE A 177 3.57 -10.96 -27.82
CA PHE A 177 2.79 -10.12 -26.91
C PHE A 177 1.35 -10.58 -26.72
N TYR A 178 0.83 -11.39 -27.64
CA TYR A 178 -0.58 -11.71 -27.57
C TYR A 178 -0.86 -13.15 -27.93
N GLU A 179 -2.05 -13.59 -27.57
CA GLU A 179 -2.54 -14.91 -27.97
C GLU A 179 -3.96 -14.76 -28.52
N GLY A 180 -4.40 -15.76 -29.26
CA GLY A 180 -5.71 -15.73 -29.86
C GLY A 180 -5.73 -14.79 -31.04
N PRO A 181 -6.90 -14.57 -31.63
CA PRO A 181 -7.02 -13.74 -32.84
C PRO A 181 -6.76 -12.25 -32.58
N LEU A 182 -6.06 -11.63 -33.51
CA LEU A 182 -5.87 -10.19 -33.51
C LEU A 182 -6.86 -9.55 -34.47
N THR A 183 -7.78 -8.77 -33.93
CA THR A 183 -8.90 -8.19 -34.68
C THR A 183 -8.76 -6.69 -34.92
N TYR A 184 -9.10 -6.23 -36.12
CA TYR A 184 -8.95 -4.82 -36.45
C TYR A 184 -10.27 -4.06 -36.53
N GLU A 185 -10.24 -2.85 -35.96
CA GLU A 185 -11.38 -1.94 -36.00
C GLU A 185 -10.99 -0.66 -36.70
N LYS A 186 -11.67 -0.33 -37.79
CA LYS A 186 -11.40 0.89 -38.52
C LYS A 186 -11.74 2.13 -37.67
N LEU A 187 -10.88 3.12 -37.71
CA LEU A 187 -11.11 4.39 -37.03
C LEU A 187 -12.31 5.08 -37.65
N ASN A 188 -13.11 5.75 -36.83
CA ASN A 188 -14.23 6.57 -37.34
C ASN A 188 -13.81 8.01 -37.52
N HIS A 189 -12.60 8.35 -37.06
CA HIS A 189 -11.93 9.63 -37.34
C HIS A 189 -10.41 9.47 -37.28
N ASP A 190 -9.69 10.15 -38.15
CA ASP A 190 -8.24 10.24 -37.97
C ASP A 190 -7.92 11.35 -36.98
N LEU A 191 -8.31 11.13 -35.72
CA LEU A 191 -8.08 12.15 -34.70
C LEU A 191 -7.56 11.47 -33.45
N TYR A 192 -8.48 10.98 -32.62
CA TYR A 192 -8.13 10.02 -31.60
C TYR A 192 -8.01 8.64 -32.24
N TRP A 193 -7.50 7.68 -31.49
CA TRP A 193 -7.63 6.30 -31.91
C TRP A 193 -9.01 5.91 -31.44
N GLN A 194 -10.01 6.33 -32.21
CA GLN A 194 -11.40 6.17 -31.82
C GLN A 194 -12.16 5.24 -32.76
N ILE A 195 -12.89 4.30 -32.18
CA ILE A 195 -13.59 3.33 -32.97
C ILE A 195 -15.05 3.22 -32.51
N THR A 196 -15.86 2.58 -33.34
CA THR A 196 -17.26 2.41 -33.05
C THR A 196 -17.55 1.00 -32.55
N LEU A 197 -18.13 0.91 -31.35
CA LEU A 197 -18.47 -0.38 -30.75
C LEU A 197 -19.85 -0.31 -30.08
N ASP A 198 -20.60 -1.41 -30.14
CA ASP A 198 -21.78 -1.51 -29.31
C ASP A 198 -21.29 -1.82 -27.90
N ALA A 199 -21.79 -1.09 -26.92
CA ALA A 199 -21.36 -1.31 -25.55
C ALA A 199 -22.49 -1.93 -24.72
N HIS A 200 -22.24 -3.14 -24.24
CA HIS A 200 -23.19 -3.84 -23.36
C HIS A 200 -22.58 -3.98 -21.98
N VAL A 201 -23.30 -3.49 -20.98
CA VAL A 201 -22.97 -3.75 -19.59
C VAL A 201 -24.24 -4.05 -18.80
N GLY A 202 -24.46 -5.32 -18.47
CA GLY A 202 -25.61 -5.65 -17.67
C GLY A 202 -26.94 -5.50 -18.36
N ASN A 203 -27.80 -4.65 -17.80
CA ASN A 203 -29.11 -4.35 -18.39
C ASN A 203 -29.14 -3.27 -19.47
N ILE A 204 -28.12 -2.43 -19.53
CA ILE A 204 -28.09 -1.30 -20.45
C ILE A 204 -27.19 -1.53 -21.67
N MET A 205 -27.65 -1.02 -22.81
CA MET A 205 -27.02 -1.29 -24.10
C MET A 205 -26.98 0.02 -24.87
N LEU A 206 -25.81 0.33 -25.41
CA LEU A 206 -25.64 1.49 -26.27
C LEU A 206 -24.99 1.10 -27.59
N GLU A 207 -25.80 1.06 -28.64
CA GLU A 207 -25.34 0.68 -29.96
C GLU A 207 -24.46 1.76 -30.59
N LYS A 208 -23.41 1.31 -31.28
CA LYS A 208 -22.52 2.16 -32.07
C LYS A 208 -21.91 3.33 -31.28
N ALA A 209 -21.36 3.04 -30.12
CA ALA A 209 -20.76 4.06 -29.27
C ALA A 209 -19.34 4.44 -29.72
N ASN A 210 -18.96 5.70 -29.52
CA ASN A 210 -17.61 6.15 -29.78
C ASN A 210 -16.68 5.65 -28.68
N CYS A 211 -15.64 4.93 -29.06
CA CYS A 211 -14.72 4.39 -28.08
C CYS A 211 -13.28 4.86 -28.39
N ILE A 212 -12.69 5.58 -27.45
CA ILE A 212 -11.37 6.14 -27.62
C ILE A 212 -10.38 5.27 -26.85
N VAL A 213 -9.37 4.75 -27.56
CA VAL A 213 -8.35 3.95 -26.87
C VAL A 213 -7.27 4.88 -26.38
N ASP A 214 -7.20 5.05 -25.06
CA ASP A 214 -6.40 6.11 -24.47
C ASP A 214 -5.45 5.64 -23.37
N SER A 215 -4.19 5.50 -23.74
CA SER A 215 -3.18 5.04 -22.80
C SER A 215 -2.87 6.11 -21.75
N GLY A 216 -3.31 7.35 -22.00
CA GLY A 216 -3.05 8.46 -21.10
C GLY A 216 -4.11 8.64 -20.03
N THR A 217 -5.08 7.73 -20.03
CA THR A 217 -6.11 7.71 -18.99
C THR A 217 -6.09 6.41 -18.20
N SER A 218 -6.03 6.52 -16.89
CA SER A 218 -5.84 5.33 -16.09
C SER A 218 -7.18 4.71 -15.66
N ALA A 219 -8.30 5.35 -16.03
CA ALA A 219 -9.63 4.83 -15.72
C ALA A 219 -10.34 4.38 -16.99
N ILE A 220 -11.43 3.65 -16.81
CA ILE A 220 -12.46 3.51 -17.85
C ILE A 220 -13.51 4.62 -17.64
N THR A 221 -13.87 5.38 -18.68
CA THR A 221 -14.98 6.32 -18.53
C THR A 221 -16.20 5.89 -19.31
N VAL A 222 -17.34 6.37 -18.82
CA VAL A 222 -18.64 5.92 -19.24
C VAL A 222 -19.57 7.13 -19.23
N PRO A 223 -20.49 7.23 -20.19
CA PRO A 223 -21.49 8.31 -20.10
C PRO A 223 -22.22 8.24 -18.76
N THR A 224 -22.50 9.40 -18.18
CA THR A 224 -23.03 9.48 -16.83
C THR A 224 -24.38 8.79 -16.71
N ASP A 225 -25.26 8.97 -17.70
CA ASP A 225 -26.56 8.31 -17.66
C ASP A 225 -26.41 6.80 -17.77
N PHE A 226 -25.50 6.37 -18.62
CA PHE A 226 -25.18 4.98 -18.77
C PHE A 226 -24.64 4.42 -17.45
N LEU A 227 -23.80 5.19 -16.77
CA LEU A 227 -23.20 4.71 -15.53
C LEU A 227 -24.27 4.54 -14.45
N ASN A 228 -25.18 5.52 -14.34
CA ASN A 228 -26.29 5.44 -13.41
C ASN A 228 -27.08 4.15 -13.57
N LYS A 229 -27.62 3.95 -14.77
CA LYS A 229 -28.42 2.78 -15.10
C LYS A 229 -27.64 1.46 -14.91
N MET A 230 -26.36 1.51 -15.22
CA MET A 230 -25.46 0.38 -15.09
C MET A 230 -25.41 -0.19 -13.68
N LEU A 231 -25.45 0.70 -12.69
CA LEU A 231 -25.14 0.30 -11.33
C LEU A 231 -26.38 0.15 -10.46
N GLN A 232 -27.55 0.34 -11.05
CA GLN A 232 -28.74 0.33 -10.23
C GLN A 232 -29.00 -1.08 -9.73
N ASN A 233 -29.19 -1.21 -8.41
CA ASN A 233 -29.46 -2.50 -7.77
C ASN A 233 -28.27 -3.45 -7.80
N LEU A 234 -27.08 -2.91 -7.92
CA LEU A 234 -25.90 -3.75 -8.01
C LEU A 234 -25.12 -3.73 -6.69
N ASP A 235 -25.68 -3.01 -5.71
CA ASP A 235 -25.04 -2.85 -4.39
C ASP A 235 -23.72 -2.11 -4.51
N VAL A 236 -23.73 -1.10 -5.37
CA VAL A 236 -22.62 -0.17 -5.51
C VAL A 236 -23.04 1.16 -4.87
N ILE A 237 -22.12 1.76 -4.13
CA ILE A 237 -22.43 2.97 -3.37
C ILE A 237 -21.71 4.19 -3.94
N LYS A 238 -22.47 5.25 -4.20
CA LYS A 238 -21.90 6.52 -4.63
C LYS A 238 -21.38 7.27 -3.41
N VAL A 239 -20.11 7.62 -3.41
CA VAL A 239 -19.60 8.37 -2.28
C VAL A 239 -20.09 9.83 -2.35
N PRO A 240 -20.79 10.29 -1.30
CA PRO A 240 -21.29 11.66 -1.24
C PRO A 240 -20.19 12.69 -1.53
N PHE A 241 -20.53 13.64 -2.38
CA PHE A 241 -19.71 14.81 -2.72
C PHE A 241 -18.42 14.49 -3.44
N LEU A 242 -18.23 13.23 -3.81
CA LEU A 242 -17.07 12.83 -4.59
C LEU A 242 -17.48 12.04 -5.82
N PRO A 243 -16.62 12.01 -6.83
CA PRO A 243 -16.97 11.26 -8.03
C PRO A 243 -16.67 9.76 -7.95
N PHE A 244 -16.65 9.17 -6.76
CA PHE A 244 -16.19 7.78 -6.64
C PHE A 244 -17.31 6.81 -6.31
N TYR A 245 -17.19 5.60 -6.85
CA TYR A 245 -18.12 4.53 -6.54
C TYR A 245 -17.39 3.45 -5.77
N VAL A 246 -18.04 2.95 -4.73
CA VAL A 246 -17.40 2.08 -3.77
C VAL A 246 -18.27 0.83 -3.60
N THR A 247 -17.67 -0.32 -3.33
CA THR A 247 -18.42 -1.56 -3.24
C THR A 247 -17.70 -2.60 -2.39
N LEU A 248 -18.42 -3.64 -1.98
CA LEU A 248 -17.76 -4.78 -1.39
C LEU A 248 -16.93 -5.51 -2.45
N CYS A 249 -15.71 -5.91 -2.09
CA CYS A 249 -14.80 -6.50 -3.07
C CYS A 249 -15.29 -7.83 -3.63
N ASN A 250 -16.16 -8.50 -2.88
CA ASN A 250 -16.64 -9.82 -3.29
C ASN A 250 -18.02 -9.74 -3.95
N ASN A 251 -18.40 -8.54 -4.37
CA ASN A 251 -19.72 -8.32 -4.97
C ASN A 251 -19.89 -9.05 -6.28
N SER A 252 -20.68 -10.12 -6.27
CA SER A 252 -20.83 -10.96 -7.43
C SER A 252 -21.74 -10.35 -8.49
N LYS A 253 -22.34 -9.20 -8.18
CA LYS A 253 -23.25 -8.52 -9.11
C LYS A 253 -22.49 -7.58 -10.03
N LEU A 254 -21.20 -7.38 -9.78
CA LEU A 254 -20.42 -6.45 -10.60
C LEU A 254 -20.36 -6.98 -12.02
N PRO A 255 -20.76 -6.13 -12.98
CA PRO A 255 -20.94 -6.59 -14.36
C PRO A 255 -19.65 -6.58 -15.18
N THR A 256 -19.72 -7.28 -16.30
CA THR A 256 -18.62 -7.35 -17.24
C THR A 256 -18.95 -6.46 -18.45
N PHE A 257 -18.05 -5.54 -18.78
CA PHE A 257 -18.20 -4.72 -19.97
C PHE A 257 -18.15 -5.57 -21.22
N GLU A 258 -19.04 -5.32 -22.16
CA GLU A 258 -18.99 -6.03 -23.43
C GLU A 258 -19.03 -5.02 -24.57
N PHE A 259 -17.98 -5.03 -25.38
CA PHE A 259 -17.90 -4.19 -26.55
C PHE A 259 -17.83 -5.05 -27.80
N THR A 260 -18.76 -4.83 -28.72
CA THR A 260 -18.85 -5.70 -29.87
C THR A 260 -18.88 -4.89 -31.17
N SER A 261 -18.25 -5.42 -32.21
CA SER A 261 -18.39 -4.87 -33.54
C SER A 261 -18.71 -6.00 -34.47
N GLU A 262 -18.74 -5.70 -35.77
CA GLU A 262 -18.93 -6.74 -36.77
C GLU A 262 -17.69 -7.64 -36.84
N ASN A 263 -16.55 -7.09 -36.42
CA ASN A 263 -15.27 -7.77 -36.55
C ASN A 263 -14.84 -8.56 -35.31
N GLY A 264 -15.30 -8.14 -34.13
CA GLY A 264 -14.86 -8.75 -32.88
C GLY A 264 -15.67 -8.46 -31.63
N LYS A 265 -15.25 -9.06 -30.53
CA LYS A 265 -15.92 -8.83 -29.26
C LYS A 265 -14.91 -8.76 -28.12
N TYR A 266 -14.97 -7.70 -27.33
CA TYR A 266 -14.00 -7.46 -26.26
C TYR A 266 -14.73 -7.27 -24.96
N THR A 267 -14.24 -7.90 -23.90
CA THR A 267 -14.90 -7.80 -22.61
C THR A 267 -13.93 -7.37 -21.53
N LEU A 268 -14.47 -6.73 -20.51
CA LEU A 268 -13.67 -6.29 -19.39
C LEU A 268 -14.33 -6.65 -18.05
N GLU A 269 -13.74 -7.62 -17.37
CA GLU A 269 -14.28 -8.17 -16.13
C GLU A 269 -13.93 -7.29 -14.94
N PRO A 270 -14.68 -7.41 -13.83
CA PRO A 270 -14.47 -6.58 -12.63
C PRO A 270 -13.00 -6.57 -12.18
N GLU A 271 -12.30 -7.68 -12.41
CA GLU A 271 -10.89 -7.77 -12.05
C GLU A 271 -10.07 -6.62 -12.60
N TYR A 272 -10.46 -6.10 -13.75
CA TYR A 272 -9.69 -5.01 -14.34
C TYR A 272 -10.12 -3.63 -13.85
N TYR A 273 -11.28 -3.52 -13.20
CA TYR A 273 -11.67 -2.19 -12.73
C TYR A 273 -11.88 -2.08 -11.23
N LEU A 274 -11.56 -3.12 -10.48
CA LEU A 274 -11.67 -3.04 -9.00
C LEU A 274 -10.38 -2.59 -8.36
N GLN A 275 -10.46 -1.55 -7.56
CA GLN A 275 -9.32 -1.12 -6.78
C GLN A 275 -9.56 -1.44 -5.33
N HIS A 276 -8.60 -2.10 -4.69
CA HIS A 276 -8.78 -2.48 -3.29
C HIS A 276 -8.36 -1.36 -2.35
N ILE A 277 -9.28 -0.97 -1.48
CA ILE A 277 -8.99 0.02 -0.44
C ILE A 277 -8.53 -0.62 0.86
N GLU A 278 -9.35 -1.52 1.39
CA GLU A 278 -9.03 -2.22 2.61
C GLU A 278 -9.57 -3.64 2.55
N ASP A 279 -8.72 -4.64 2.71
CA ASP A 279 -9.20 -6.01 2.61
C ASP A 279 -9.57 -6.58 3.99
N VAL A 280 -10.54 -5.94 4.62
CA VAL A 280 -11.15 -6.43 5.84
C VAL A 280 -12.45 -7.13 5.48
N GLY A 281 -12.64 -8.35 6.00
CA GLY A 281 -13.83 -9.13 5.75
C GLY A 281 -14.14 -9.31 4.29
N PRO A 282 -15.33 -8.86 3.85
CA PRO A 282 -15.67 -8.98 2.43
C PRO A 282 -14.83 -8.03 1.58
N GLY A 283 -14.22 -7.03 2.20
CA GLY A 283 -13.35 -6.11 1.49
C GLY A 283 -14.03 -4.85 1.01
N LEU A 284 -13.30 -3.73 1.05
CA LEU A 284 -13.80 -2.46 0.57
C LEU A 284 -13.08 -2.07 -0.71
N CYS A 285 -13.81 -1.96 -1.81
CA CYS A 285 -13.18 -1.66 -3.09
C CYS A 285 -13.76 -0.39 -3.69
N MET A 286 -13.02 0.17 -4.64
CA MET A 286 -13.45 1.33 -5.39
C MET A 286 -13.45 0.98 -6.86
N LEU A 287 -14.48 1.39 -7.58
CA LEU A 287 -14.55 1.15 -9.00
C LEU A 287 -13.61 2.14 -9.72
N ASN A 288 -12.76 1.63 -10.61
CA ASN A 288 -11.91 2.45 -11.44
C ASN A 288 -12.67 2.87 -12.70
N ILE A 289 -13.84 3.46 -12.47
CA ILE A 289 -14.75 3.87 -13.53
C ILE A 289 -15.22 5.29 -13.29
N ILE A 290 -15.22 6.12 -14.32
CA ILE A 290 -15.61 7.52 -14.14
C ILE A 290 -16.73 7.93 -15.08
N GLY A 291 -17.76 8.58 -14.53
CA GLY A 291 -18.84 9.09 -15.34
C GLY A 291 -18.35 10.33 -16.05
N LEU A 292 -18.54 10.37 -17.36
CA LEU A 292 -18.06 11.49 -18.14
C LEU A 292 -18.80 11.58 -19.47
N ASP A 293 -19.36 12.76 -19.73
CA ASP A 293 -20.17 13.01 -20.92
C ASP A 293 -19.46 13.86 -21.98
N PHE A 294 -19.50 13.37 -23.20
CA PHE A 294 -18.99 14.07 -24.37
C PHE A 294 -20.18 14.44 -25.25
N PRO A 295 -19.99 15.38 -26.20
CA PRO A 295 -21.08 15.75 -27.12
C PRO A 295 -21.70 14.52 -27.77
N VAL A 296 -20.87 13.58 -28.17
CA VAL A 296 -21.31 12.26 -28.60
C VAL A 296 -21.02 11.24 -27.51
N PRO A 297 -22.01 10.41 -27.16
CA PRO A 297 -21.80 9.38 -26.13
C PRO A 297 -20.51 8.60 -26.38
N THR A 298 -19.63 8.59 -25.39
CA THR A 298 -18.27 8.12 -25.57
C THR A 298 -17.80 7.27 -24.42
N PHE A 299 -17.14 6.16 -24.74
CA PHE A 299 -16.39 5.42 -23.75
C PHE A 299 -14.91 5.68 -23.93
N ILE A 300 -14.21 5.90 -22.83
CA ILE A 300 -12.77 5.95 -22.92
C ILE A 300 -12.19 4.68 -22.35
N LEU A 301 -11.62 3.89 -23.25
CA LEU A 301 -10.96 2.66 -22.91
C LEU A 301 -9.51 2.96 -22.56
N GLY A 302 -9.28 3.30 -21.29
CA GLY A 302 -7.95 3.65 -20.84
C GLY A 302 -7.15 2.41 -20.47
N ASP A 303 -6.19 2.61 -19.59
CA ASP A 303 -5.27 1.55 -19.16
C ASP A 303 -5.91 0.22 -18.71
N PRO A 304 -7.06 0.26 -18.00
CA PRO A 304 -7.59 -1.07 -17.61
C PRO A 304 -7.94 -1.99 -18.79
N PHE A 305 -8.41 -1.39 -19.88
CA PHE A 305 -8.73 -2.13 -21.08
C PHE A 305 -7.44 -2.65 -21.71
N MET A 306 -6.43 -1.77 -21.76
CA MET A 306 -5.16 -2.12 -22.39
C MET A 306 -4.34 -3.09 -21.55
N ARG A 307 -4.64 -3.18 -20.27
CA ARG A 307 -3.99 -4.13 -19.37
CA ARG A 307 -3.92 -4.14 -19.44
C ARG A 307 -4.38 -5.55 -19.77
N LYS A 308 -5.66 -5.72 -20.13
CA LYS A 308 -6.13 -7.02 -20.61
C LYS A 308 -5.78 -7.26 -22.08
N TYR A 309 -5.91 -6.22 -22.89
CA TYR A 309 -5.77 -6.39 -24.35
C TYR A 309 -4.53 -5.72 -24.92
N PHE A 310 -3.72 -6.50 -25.61
CA PHE A 310 -2.68 -5.99 -26.47
C PHE A 310 -3.31 -5.16 -27.58
N THR A 311 -2.79 -3.97 -27.86
CA THR A 311 -3.39 -3.09 -28.85
C THR A 311 -2.40 -2.64 -29.90
N VAL A 312 -2.88 -2.53 -31.14
CA VAL A 312 -2.09 -2.13 -32.29
C VAL A 312 -2.64 -0.83 -32.89
N PHE A 313 -1.76 0.14 -33.09
CA PHE A 313 -2.19 1.44 -33.58
C PHE A 313 -1.58 1.66 -34.96
N ASP A 314 -2.39 1.45 -35.97
CA ASP A 314 -1.89 1.37 -37.34
C ASP A 314 -2.21 2.62 -38.11
N TYR A 315 -1.21 3.46 -38.34
CA TYR A 315 -1.40 4.68 -39.14
C TYR A 315 -1.68 4.31 -40.60
N ASP A 316 -0.91 3.36 -41.12
CA ASP A 316 -1.05 2.98 -42.54
C ASP A 316 -2.47 2.48 -42.84
N ASN A 317 -3.05 1.69 -41.94
CA ASN A 317 -4.36 1.15 -42.21
C ASN A 317 -5.49 1.85 -41.47
N HIS A 318 -5.18 2.94 -40.79
CA HIS A 318 -6.19 3.74 -40.09
C HIS A 318 -7.09 2.87 -39.22
N SER A 319 -6.47 2.10 -38.33
CA SER A 319 -7.22 1.21 -37.48
C SER A 319 -6.53 0.88 -36.15
N VAL A 320 -7.30 0.29 -35.24
CA VAL A 320 -6.80 -0.22 -33.98
C VAL A 320 -6.91 -1.75 -33.98
N GLY A 321 -5.81 -2.42 -33.67
CA GLY A 321 -5.81 -3.86 -33.60
C GLY A 321 -5.90 -4.31 -32.16
N ILE A 322 -6.75 -5.28 -31.88
CA ILE A 322 -6.97 -5.70 -30.50
C ILE A 322 -6.80 -7.19 -30.33
N ALA A 323 -6.03 -7.58 -29.33
CA ALA A 323 -5.87 -8.98 -29.02
C ALA A 323 -5.59 -9.21 -27.55
N LEU A 324 -5.89 -10.43 -27.10
CA LEU A 324 -5.70 -10.79 -25.72
C LEU A 324 -4.21 -10.77 -25.40
N ALA A 325 -3.81 -9.94 -24.45
CA ALA A 325 -2.41 -9.87 -24.04
C ALA A 325 -1.97 -11.18 -23.37
N LYS A 326 -0.77 -11.64 -23.70
CA LYS A 326 -0.20 -12.82 -23.02
C LYS A 326 0.02 -12.48 -21.56
N LYS A 327 -0.25 -13.43 -20.67
CA LYS A 327 -0.12 -13.15 -19.25
C LYS A 327 1.34 -12.94 -18.87
N ASN A 328 2.25 -13.61 -19.56
CA ASN A 328 3.68 -13.46 -19.30
C ASN A 328 4.52 -13.54 -20.56
N LEU A 329 5.69 -12.92 -20.52
CA LEU A 329 6.61 -12.91 -21.66
C LEU A 329 7.64 -14.03 -21.55
N SER B 2 8.08 -38.39 12.18
CA SER B 2 6.64 -38.58 12.11
C SER B 2 5.92 -37.31 11.64
N ASN B 3 6.47 -36.15 11.98
CA ASN B 3 5.79 -34.87 11.71
C ASN B 3 6.42 -34.23 10.49
N ASP B 4 5.82 -33.13 10.02
CA ASP B 4 6.56 -32.23 9.12
C ASP B 4 5.72 -30.96 8.94
N ASN B 5 6.38 -29.92 8.43
CA ASN B 5 5.90 -28.57 8.42
C ASN B 5 5.60 -28.00 7.05
N ILE B 6 4.48 -27.28 6.97
CA ILE B 6 4.16 -26.49 5.80
C ILE B 6 4.29 -25.01 6.13
N GLU B 7 5.13 -24.31 5.39
CA GLU B 7 5.42 -22.92 5.70
C GLU B 7 4.24 -22.03 5.31
N LEU B 8 3.84 -21.15 6.22
CA LEU B 8 2.76 -20.22 5.94
C LEU B 8 3.34 -18.86 5.57
N VAL B 9 2.92 -18.34 4.42
CA VAL B 9 3.45 -17.06 3.96
C VAL B 9 2.42 -15.96 4.16
N ASP B 10 2.85 -14.88 4.78
CA ASP B 10 1.95 -13.79 5.04
C ASP B 10 1.74 -12.99 3.75
N PHE B 11 0.52 -12.48 3.62
CA PHE B 11 0.12 -11.69 2.48
C PHE B 11 -0.76 -10.53 2.99
N GLN B 12 -0.25 -9.30 2.89
CA GLN B 12 -0.93 -8.07 3.31
C GLN B 12 -1.32 -8.05 4.79
N ASN B 13 -0.55 -8.79 5.61
CA ASN B 13 -0.71 -8.82 7.07
C ASN B 13 -2.05 -9.35 7.65
N ILE B 14 -2.94 -9.86 6.82
CA ILE B 14 -4.16 -10.39 7.42
C ILE B 14 -4.46 -11.83 7.02
N MET B 15 -4.26 -12.16 5.75
CA MET B 15 -4.46 -13.51 5.28
C MET B 15 -3.11 -14.16 5.08
N PHE B 16 -3.10 -15.48 5.16
CA PHE B 16 -1.90 -16.25 4.87
C PHE B 16 -2.24 -17.40 3.91
N TYR B 17 -1.21 -17.98 3.30
CA TYR B 17 -1.40 -19.12 2.39
C TYR B 17 -0.29 -20.15 2.62
N GLY B 18 -0.52 -21.37 2.14
CA GLY B 18 0.51 -22.39 2.14
C GLY B 18 0.44 -23.22 0.86
N ASP B 19 1.55 -23.83 0.49
CA ASP B 19 1.64 -24.67 -0.69
C ASP B 19 1.57 -26.18 -0.40
N ALA B 20 0.99 -26.91 -1.36
CA ALA B 20 0.92 -28.36 -1.30
C ALA B 20 0.92 -28.87 -2.74
N GLU B 21 1.10 -30.17 -2.92
CA GLU B 21 1.18 -30.71 -4.28
C GLU B 21 0.20 -31.83 -4.56
N VAL B 22 -0.18 -31.95 -5.82
CA VAL B 22 -1.05 -33.03 -6.27
C VAL B 22 -0.38 -33.74 -7.45
N GLY B 23 -0.41 -35.07 -7.43
CA GLY B 23 0.20 -35.83 -8.49
C GLY B 23 1.56 -36.32 -8.09
N ASP B 24 2.02 -37.39 -8.75
CA ASP B 24 3.31 -37.95 -8.46
C ASP B 24 4.45 -37.05 -8.94
N ASN B 25 4.15 -36.20 -9.91
CA ASN B 25 5.10 -35.22 -10.43
C ASN B 25 5.12 -33.95 -9.59
N GLN B 26 4.38 -33.98 -8.48
CA GLN B 26 4.43 -32.92 -7.48
CA GLN B 26 4.42 -32.92 -7.48
C GLN B 26 4.06 -31.53 -8.02
N GLN B 27 2.97 -31.45 -8.78
CA GLN B 27 2.49 -30.17 -9.28
C GLN B 27 2.07 -29.31 -8.08
N PRO B 28 2.68 -28.14 -7.93
CA PRO B 28 2.46 -27.31 -6.74
C PRO B 28 1.24 -26.40 -6.87
N PHE B 29 0.55 -26.17 -5.75
CA PHE B 29 -0.57 -25.25 -5.75
C PHE B 29 -0.49 -24.41 -4.50
N THR B 30 -1.06 -23.21 -4.55
CA THR B 30 -1.17 -22.37 -3.37
C THR B 30 -2.60 -22.47 -2.83
N PHE B 31 -2.69 -22.78 -1.54
CA PHE B 31 -3.96 -23.02 -0.87
C PHE B 31 -4.28 -22.05 0.25
N ILE B 32 -5.58 -21.79 0.42
CA ILE B 32 -6.10 -21.34 1.71
C ILE B 32 -6.19 -22.59 2.59
N LEU B 33 -5.49 -22.58 3.72
CA LEU B 33 -5.54 -23.72 4.62
C LEU B 33 -6.65 -23.45 5.63
N ASP B 34 -7.77 -24.15 5.48
CA ASP B 34 -9.04 -23.69 6.02
C ASP B 34 -9.68 -24.65 7.04
N THR B 35 -9.53 -24.34 8.32
CA THR B 35 -10.15 -25.17 9.35
C THR B 35 -11.69 -25.05 9.33
N GLY B 36 -12.20 -24.10 8.56
CA GLY B 36 -13.63 -23.83 8.45
C GLY B 36 -14.35 -24.57 7.34
N SER B 37 -13.63 -25.42 6.59
CA SER B 37 -14.26 -26.29 5.60
C SER B 37 -13.52 -27.63 5.60
N ALA B 38 -13.93 -28.54 4.71
CA ALA B 38 -13.46 -29.92 4.81
C ALA B 38 -13.31 -30.63 3.47
N ASN B 39 -13.13 -29.87 2.40
CA ASN B 39 -12.84 -30.44 1.09
C ASN B 39 -11.57 -29.86 0.52
N LEU B 40 -10.84 -30.69 -0.22
CA LEU B 40 -9.66 -30.23 -0.95
C LEU B 40 -10.03 -30.03 -2.42
N TRP B 41 -9.75 -28.87 -2.99
CA TRP B 41 -9.91 -28.74 -4.45
C TRP B 41 -8.83 -27.93 -5.18
N VAL B 42 -8.69 -28.23 -6.47
CA VAL B 42 -7.77 -27.55 -7.36
C VAL B 42 -8.47 -27.32 -8.67
N PRO B 43 -8.13 -26.21 -9.32
CA PRO B 43 -8.67 -25.94 -10.64
C PRO B 43 -8.03 -26.86 -11.67
N SER B 44 -8.84 -27.38 -12.59
CA SER B 44 -8.39 -28.33 -13.61
C SER B 44 -7.88 -27.62 -14.87
N VAL B 45 -7.03 -28.28 -15.66
CA VAL B 45 -6.66 -27.74 -16.97
C VAL B 45 -7.89 -27.69 -17.85
N LYS B 46 -8.88 -28.49 -17.49
CA LYS B 46 -10.15 -28.51 -18.20
C LYS B 46 -11.00 -27.30 -17.82
N CYS B 47 -10.55 -26.51 -16.84
CA CYS B 47 -11.25 -25.26 -16.53
C CYS B 47 -10.75 -24.16 -17.42
N THR B 48 -11.64 -23.56 -18.20
CA THR B 48 -11.20 -22.55 -19.15
C THR B 48 -11.73 -21.18 -18.80
N THR B 49 -12.31 -21.03 -17.60
CA THR B 49 -12.83 -19.75 -17.16
C THR B 49 -11.72 -18.72 -17.01
N ALA B 50 -12.12 -17.45 -16.99
CA ALA B 50 -11.15 -16.37 -16.88
C ALA B 50 -10.31 -16.53 -15.62
N GLY B 51 -10.93 -16.99 -14.55
CA GLY B 51 -10.22 -17.13 -13.29
C GLY B 51 -9.11 -18.16 -13.40
N CYS B 52 -9.42 -19.29 -14.02
CA CYS B 52 -8.48 -20.40 -14.16
C CYS B 52 -7.26 -20.04 -14.99
N LEU B 53 -7.43 -19.14 -15.95
CA LEU B 53 -6.32 -18.76 -16.82
C LEU B 53 -5.18 -18.10 -16.04
N THR B 54 -5.49 -17.68 -14.82
CA THR B 54 -4.49 -17.04 -13.96
C THR B 54 -3.90 -17.97 -12.90
N LYS B 55 -4.33 -19.24 -12.88
CA LYS B 55 -3.94 -20.15 -11.79
C LYS B 55 -3.01 -21.30 -12.21
N HIS B 56 -2.37 -21.94 -11.24
CA HIS B 56 -1.72 -23.23 -11.51
C HIS B 56 -2.81 -24.28 -11.71
N LEU B 57 -2.72 -25.07 -12.77
CA LEU B 57 -3.79 -26.00 -13.04
C LEU B 57 -3.35 -27.44 -12.93
N TYR B 58 -4.30 -28.28 -12.55
CA TYR B 58 -4.07 -29.70 -12.37
C TYR B 58 -4.38 -30.49 -13.63
N ASP B 59 -3.39 -31.21 -14.14
CA ASP B 59 -3.56 -32.07 -15.30
C ASP B 59 -3.45 -33.53 -14.88
N SER B 60 -4.58 -34.23 -14.81
CA SER B 60 -4.54 -35.62 -14.37
C SER B 60 -3.78 -36.49 -15.34
N SER B 61 -3.79 -36.13 -16.61
CA SER B 61 -3.17 -36.97 -17.63
C SER B 61 -1.65 -36.97 -17.50
N LYS B 62 -1.10 -36.04 -16.73
CA LYS B 62 0.34 -35.99 -16.53
CA LYS B 62 0.34 -35.97 -16.52
C LYS B 62 0.76 -36.66 -15.23
N SER B 63 -0.22 -37.22 -14.52
CA SER B 63 0.04 -37.89 -13.25
C SER B 63 -0.13 -39.40 -13.33
N ARG B 64 0.95 -40.11 -12.99
CA ARG B 64 0.97 -41.57 -13.01
C ARG B 64 0.20 -42.21 -11.86
N THR B 65 -0.12 -41.40 -10.85
CA THR B 65 -0.82 -41.91 -9.67
C THR B 65 -2.29 -41.54 -9.62
N TYR B 66 -2.77 -40.87 -10.66
CA TYR B 66 -4.17 -40.46 -10.77
C TYR B 66 -5.13 -41.63 -10.90
N GLU B 67 -6.28 -41.56 -10.25
CA GLU B 67 -7.33 -42.56 -10.50
C GLU B 67 -8.65 -41.83 -10.70
N LYS B 68 -9.37 -42.17 -11.77
CA LYS B 68 -10.61 -41.44 -12.08
C LYS B 68 -11.69 -41.71 -11.05
N ASP B 69 -12.53 -40.69 -10.81
CA ASP B 69 -13.76 -40.85 -10.04
C ASP B 69 -14.90 -40.27 -10.87
N GLY B 70 -14.91 -38.96 -11.07
CA GLY B 70 -15.87 -38.38 -11.98
C GLY B 70 -17.20 -37.99 -11.35
N THR B 71 -17.40 -38.36 -10.09
CA THR B 71 -18.63 -37.97 -9.40
C THR B 71 -18.75 -36.46 -9.38
N LYS B 72 -19.80 -35.91 -9.97
CA LYS B 72 -19.95 -34.46 -10.02
C LYS B 72 -20.24 -33.87 -8.64
N VAL B 73 -19.74 -32.65 -8.40
CA VAL B 73 -19.84 -31.97 -7.11
C VAL B 73 -19.91 -30.44 -7.21
N GLU B 74 -20.59 -29.82 -6.26
CA GLU B 74 -20.68 -28.38 -6.18
C GLU B 74 -20.31 -27.90 -4.79
N MET B 75 -19.31 -27.03 -4.71
CA MET B 75 -18.89 -26.44 -3.44
C MET B 75 -19.54 -25.07 -3.28
N ASN B 76 -20.28 -24.91 -2.21
CA ASN B 76 -21.02 -23.69 -1.99
C ASN B 76 -20.44 -22.89 -0.82
N TYR B 77 -19.66 -21.86 -1.12
CA TYR B 77 -19.13 -21.01 -0.07
C TYR B 77 -19.91 -19.72 0.05
N VAL B 78 -19.72 -19.04 1.16
CA VAL B 78 -20.29 -17.73 1.39
C VAL B 78 -19.88 -16.76 0.30
N SER B 79 -18.61 -16.83 -0.10
CA SER B 79 -18.08 -15.96 -1.12
CA SER B 79 -18.09 -15.94 -1.12
C SER B 79 -18.56 -16.36 -2.52
N GLY B 80 -18.92 -17.62 -2.68
CA GLY B 80 -19.46 -18.06 -3.95
C GLY B 80 -19.41 -19.55 -4.20
N THR B 81 -19.61 -19.91 -5.46
CA THR B 81 -19.74 -21.31 -5.86
C THR B 81 -18.68 -21.76 -6.87
N VAL B 82 -18.05 -22.90 -6.63
CA VAL B 82 -17.27 -23.60 -7.65
C VAL B 82 -17.87 -24.99 -7.89
N SER B 83 -17.71 -25.52 -9.09
CA SER B 83 -18.21 -26.87 -9.36
C SER B 83 -17.20 -27.68 -10.17
N GLY B 84 -17.30 -29.00 -10.08
CA GLY B 84 -16.40 -29.88 -10.77
C GLY B 84 -16.72 -31.34 -10.52
N PHE B 85 -15.69 -32.18 -10.44
CA PHE B 85 -15.90 -33.60 -10.21
C PHE B 85 -14.81 -34.14 -9.29
N PHE B 86 -15.10 -35.24 -8.61
CA PHE B 86 -14.13 -35.87 -7.72
C PHE B 86 -13.06 -36.62 -8.52
N SER B 87 -11.87 -36.65 -7.93
CA SER B 87 -10.71 -37.36 -8.47
C SER B 87 -9.85 -37.87 -7.33
N LYS B 88 -9.02 -38.86 -7.63
CA LYS B 88 -8.13 -39.40 -6.62
C LYS B 88 -6.70 -39.32 -7.15
N ASP B 89 -5.79 -38.82 -6.31
CA ASP B 89 -4.39 -38.75 -6.70
C ASP B 89 -3.57 -38.60 -5.44
N LEU B 90 -2.25 -38.60 -5.61
CA LEU B 90 -1.34 -38.42 -4.49
C LEU B 90 -1.32 -36.96 -4.08
N VAL B 91 -1.61 -36.69 -2.81
CA VAL B 91 -1.51 -35.34 -2.30
C VAL B 91 -0.32 -35.27 -1.36
N THR B 92 0.47 -34.22 -1.52
CA THR B 92 1.63 -34.04 -0.66
C THR B 92 1.56 -32.74 0.15
N VAL B 93 1.66 -32.91 1.47
CA VAL B 93 1.67 -31.79 2.42
C VAL B 93 2.94 -31.87 3.25
N GLY B 94 3.76 -30.83 3.19
CA GLY B 94 5.10 -30.91 3.76
C GLY B 94 5.78 -31.98 2.95
N ASN B 95 6.37 -32.96 3.61
CA ASN B 95 6.95 -34.09 2.91
C ASN B 95 6.14 -35.36 3.19
N LEU B 96 4.86 -35.22 3.49
CA LEU B 96 4.02 -36.40 3.67
C LEU B 96 3.11 -36.52 2.45
N SER B 97 2.94 -37.73 1.94
CA SER B 97 2.13 -37.94 0.75
C SER B 97 1.18 -39.08 0.99
N LEU B 98 0.01 -39.02 0.36
CA LEU B 98 -0.97 -40.09 0.51
C LEU B 98 -1.93 -40.03 -0.63
N PRO B 99 -2.43 -41.18 -1.08
CA PRO B 99 -3.52 -41.14 -2.07
C PRO B 99 -4.78 -40.59 -1.40
N TYR B 100 -5.41 -39.60 -2.03
CA TYR B 100 -6.45 -38.81 -1.38
C TYR B 100 -7.51 -38.40 -2.39
N LYS B 101 -8.75 -38.32 -1.92
CA LYS B 101 -9.88 -37.91 -2.74
C LYS B 101 -10.01 -36.38 -2.67
N PHE B 102 -10.14 -35.73 -3.82
CA PHE B 102 -10.23 -34.26 -3.89
C PHE B 102 -11.07 -33.83 -5.07
N ILE B 103 -11.31 -32.53 -5.20
CA ILE B 103 -12.15 -32.01 -6.28
C ILE B 103 -11.38 -31.26 -7.38
N GLU B 104 -11.60 -31.68 -8.63
CA GLU B 104 -11.16 -30.97 -9.82
C GLU B 104 -12.22 -29.96 -10.21
N VAL B 105 -11.88 -28.69 -10.13
CA VAL B 105 -12.84 -27.64 -10.45
C VAL B 105 -12.78 -27.23 -11.92
N ILE B 106 -13.93 -27.27 -12.61
CA ILE B 106 -13.93 -26.87 -14.01
C ILE B 106 -14.65 -25.53 -14.25
N ASP B 107 -15.48 -25.11 -13.29
CA ASP B 107 -16.21 -23.86 -13.42
C ASP B 107 -16.05 -22.98 -12.18
N THR B 108 -15.65 -21.74 -12.38
CA THR B 108 -15.42 -20.80 -11.29
C THR B 108 -16.26 -19.51 -11.41
N ASN B 109 -17.00 -19.39 -12.51
CA ASN B 109 -17.81 -18.19 -12.77
C ASN B 109 -18.72 -17.77 -11.61
N GLY B 110 -19.17 -18.76 -10.84
CA GLY B 110 -20.05 -18.52 -9.71
C GLY B 110 -19.26 -18.12 -8.48
N PHE B 111 -17.96 -17.90 -8.67
CA PHE B 111 -17.04 -17.58 -7.58
C PHE B 111 -16.22 -16.33 -7.88
N GLU B 112 -16.84 -15.41 -8.60
CA GLU B 112 -16.21 -14.16 -9.01
C GLU B 112 -16.95 -12.96 -8.41
N PRO B 113 -16.25 -11.82 -8.22
CA PRO B 113 -14.85 -11.60 -8.62
C PRO B 113 -13.79 -12.02 -7.59
N THR B 114 -14.18 -12.73 -6.53
CA THR B 114 -13.22 -13.17 -5.53
C THR B 114 -12.08 -14.05 -6.09
N TYR B 115 -12.41 -15.01 -6.93
CA TYR B 115 -11.39 -15.98 -7.33
C TYR B 115 -10.23 -15.38 -8.12
N THR B 116 -10.53 -14.62 -9.16
CA THR B 116 -9.46 -13.99 -9.93
C THR B 116 -8.68 -12.99 -9.07
N ALA B 117 -9.38 -12.27 -8.20
CA ALA B 117 -8.73 -11.29 -7.35
C ALA B 117 -7.72 -11.90 -6.37
N SER B 118 -7.91 -13.18 -6.06
CA SER B 118 -7.14 -13.79 -5.00
C SER B 118 -5.94 -14.56 -5.48
N THR B 119 -5.01 -14.85 -4.59
CA THR B 119 -3.77 -15.46 -5.03
C THR B 119 -3.66 -16.95 -4.67
N PHE B 120 -4.72 -17.52 -4.13
CA PHE B 120 -4.73 -18.94 -3.94
C PHE B 120 -5.20 -19.61 -5.22
N ASP B 121 -4.79 -20.88 -5.40
CA ASP B 121 -5.26 -21.71 -6.50
C ASP B 121 -6.51 -22.50 -6.06
N GLY B 122 -6.50 -23.02 -4.85
CA GLY B 122 -7.58 -23.84 -4.38
C GLY B 122 -7.68 -23.70 -2.88
N ILE B 123 -8.50 -24.54 -2.26
CA ILE B 123 -8.70 -24.51 -0.84
C ILE B 123 -8.45 -25.89 -0.28
N LEU B 124 -7.74 -25.97 0.83
CA LEU B 124 -7.45 -27.24 1.48
C LEU B 124 -8.18 -27.22 2.81
N GLY B 125 -9.32 -27.91 2.89
CA GLY B 125 -10.13 -27.95 4.10
C GLY B 125 -9.48 -28.77 5.21
N LEU B 126 -9.72 -28.39 6.46
CA LEU B 126 -9.10 -29.02 7.62
C LEU B 126 -10.13 -29.24 8.73
N GLY B 127 -11.39 -29.30 8.36
CA GLY B 127 -12.45 -29.51 9.33
C GLY B 127 -12.67 -30.98 9.54
N TRP B 128 -13.87 -31.34 10.02
CA TRP B 128 -14.21 -32.73 10.31
C TRP B 128 -14.97 -33.39 9.17
N LYS B 129 -15.03 -34.72 9.19
CA LYS B 129 -15.58 -35.51 8.09
C LYS B 129 -17.02 -35.13 7.71
N ASP B 130 -17.88 -34.95 8.71
CA ASP B 130 -19.28 -34.65 8.46
C ASP B 130 -19.49 -33.26 7.84
N LEU B 131 -18.46 -32.44 7.87
CA LEU B 131 -18.52 -31.10 7.28
C LEU B 131 -18.18 -31.17 5.80
N SER B 132 -17.60 -32.29 5.38
CA SER B 132 -17.15 -32.42 4.00
C SER B 132 -18.28 -32.83 3.09
N ILE B 133 -18.24 -32.35 1.86
CA ILE B 133 -19.08 -32.89 0.81
C ILE B 133 -18.46 -34.18 0.30
N GLY B 134 -19.27 -35.23 0.19
CA GLY B 134 -18.77 -36.49 -0.33
C GLY B 134 -18.19 -37.37 0.75
N SER B 135 -18.34 -36.96 2.01
CA SER B 135 -17.91 -37.76 3.15
C SER B 135 -16.44 -38.19 3.08
N VAL B 136 -15.55 -37.24 2.87
CA VAL B 136 -14.14 -37.51 2.74
C VAL B 136 -13.45 -37.46 4.10
N ASP B 137 -12.68 -38.49 4.46
CA ASP B 137 -11.92 -38.38 5.71
C ASP B 137 -10.91 -37.24 5.61
N PRO B 138 -10.81 -36.45 6.68
CA PRO B 138 -9.84 -35.36 6.73
C PRO B 138 -8.43 -35.89 6.47
N ILE B 139 -7.63 -35.10 5.78
CA ILE B 139 -6.28 -35.53 5.39
C ILE B 139 -5.46 -36.03 6.60
N VAL B 140 -5.55 -35.32 7.72
CA VAL B 140 -4.73 -35.64 8.87
C VAL B 140 -5.19 -36.96 9.50
N VAL B 141 -6.48 -37.22 9.45
CA VAL B 141 -7.04 -38.49 9.93
C VAL B 141 -6.60 -39.62 8.99
N GLU B 142 -6.71 -39.41 7.67
CA GLU B 142 -6.23 -40.40 6.71
C GLU B 142 -4.76 -40.67 6.92
N LEU B 143 -3.95 -39.62 7.10
CA LEU B 143 -2.53 -39.81 7.32
C LEU B 143 -2.27 -40.73 8.50
N LYS B 144 -3.02 -40.53 9.60
CA LYS B 144 -2.93 -41.44 10.74
C LYS B 144 -3.47 -42.82 10.37
N ASN B 145 -4.63 -42.87 9.72
CA ASN B 145 -5.18 -44.15 9.26
C ASN B 145 -4.24 -44.96 8.38
N GLN B 146 -3.38 -44.28 7.63
CA GLN B 146 -2.42 -44.96 6.77
C GLN B 146 -1.07 -45.08 7.48
N ASN B 147 -1.10 -44.88 8.79
CA ASN B 147 0.09 -44.97 9.64
C ASN B 147 1.29 -44.13 9.14
N LYS B 148 1.01 -42.91 8.69
CA LYS B 148 2.08 -41.99 8.29
C LYS B 148 2.40 -40.93 9.36
N ILE B 149 1.53 -40.81 10.36
CA ILE B 149 1.78 -39.99 11.53
C ILE B 149 1.26 -40.74 12.75
N GLU B 150 1.76 -40.39 13.93
CA GLU B 150 1.32 -41.03 15.17
C GLU B 150 0.04 -40.43 15.74
N ASN B 151 -0.13 -39.11 15.63
CA ASN B 151 -1.29 -38.49 16.25
C ASN B 151 -2.08 -37.73 15.19
N ALA B 152 -3.40 -37.87 15.26
CA ALA B 152 -4.25 -37.15 14.33
C ALA B 152 -4.49 -35.76 14.89
N LEU B 153 -3.50 -34.90 14.70
CA LEU B 153 -3.66 -33.52 15.09
C LEU B 153 -2.79 -32.68 14.18
N PHE B 154 -3.16 -31.41 14.08
CA PHE B 154 -2.36 -30.45 13.39
C PHE B 154 -2.37 -29.16 14.22
N THR B 155 -1.43 -28.29 13.88
CA THR B 155 -1.12 -27.13 14.65
C THR B 155 -0.92 -25.87 13.75
N PHE B 156 -1.40 -24.72 14.20
CA PHE B 156 -1.20 -23.47 13.45
C PHE B 156 -0.39 -22.45 14.24
N TYR B 157 0.74 -22.07 13.67
CA TYR B 157 1.53 -20.96 14.16
C TYR B 157 1.53 -19.95 13.02
N LEU B 158 0.75 -18.89 13.16
CA LEU B 158 0.50 -17.99 12.03
C LEU B 158 1.67 -17.02 11.84
N PRO B 159 1.94 -16.65 10.58
CA PRO B 159 3.00 -15.67 10.31
C PRO B 159 2.60 -14.28 10.80
N VAL B 160 3.57 -13.50 11.23
CA VAL B 160 3.28 -12.10 11.56
C VAL B 160 4.13 -11.19 10.69
N HIS B 161 3.44 -10.34 9.93
CA HIS B 161 4.05 -9.46 8.94
C HIS B 161 5.33 -8.81 9.48
N ASP B 162 6.40 -8.91 8.69
CA ASP B 162 7.72 -8.34 9.04
C ASP B 162 8.31 -8.75 10.39
N LYS B 163 7.97 -9.93 10.91
CA LYS B 163 8.68 -10.50 12.06
C LYS B 163 9.04 -11.97 11.92
N HIS B 164 8.08 -12.78 11.47
CA HIS B 164 8.36 -14.19 11.18
C HIS B 164 7.31 -14.86 10.28
N THR B 165 7.73 -15.93 9.61
CA THR B 165 6.78 -16.72 8.85
C THR B 165 6.00 -17.62 9.79
N GLY B 166 5.12 -18.42 9.21
CA GLY B 166 4.29 -19.31 9.99
C GLY B 166 4.42 -20.77 9.57
N PHE B 167 3.80 -21.64 10.36
CA PHE B 167 3.78 -23.06 10.07
C PHE B 167 2.46 -23.71 10.41
N LEU B 168 1.96 -24.50 9.46
CA LEU B 168 1.00 -25.53 9.76
C LEU B 168 1.81 -26.79 10.06
N THR B 169 1.75 -27.27 11.30
CA THR B 169 2.49 -28.49 11.66
C THR B 169 1.54 -29.66 11.83
N ILE B 170 1.86 -30.78 11.18
CA ILE B 170 1.01 -31.97 11.24
C ILE B 170 1.65 -33.11 12.02
N GLY B 171 0.95 -33.65 13.01
CA GLY B 171 1.40 -34.88 13.66
C GLY B 171 1.84 -34.73 15.10
N GLY B 172 2.25 -33.52 15.46
CA GLY B 172 2.72 -33.27 16.80
C GLY B 172 2.83 -31.79 17.15
N ILE B 173 2.91 -31.55 18.46
CA ILE B 173 2.98 -30.22 19.02
C ILE B 173 4.39 -29.78 19.35
N GLU B 174 4.81 -28.65 18.82
CA GLU B 174 6.17 -28.15 19.06
C GLU B 174 6.10 -26.95 19.98
N GLU B 175 6.74 -27.09 21.15
CA GLU B 175 6.67 -26.09 22.21
C GLU B 175 7.37 -24.80 21.83
N ARG B 176 8.17 -24.88 20.78
CA ARG B 176 8.88 -23.72 20.27
C ARG B 176 7.89 -22.69 19.73
N PHE B 177 6.64 -23.09 19.54
CA PHE B 177 5.66 -22.17 18.94
C PHE B 177 4.92 -21.37 20.01
N TYR B 178 4.98 -21.78 21.27
CA TYR B 178 4.18 -21.09 22.27
C TYR B 178 4.84 -20.92 23.62
N GLU B 179 4.26 -20.03 24.43
CA GLU B 179 4.66 -19.88 25.83
C GLU B 179 3.45 -19.90 26.72
N GLY B 180 3.69 -20.15 28.01
CA GLY B 180 2.61 -20.22 28.96
C GLY B 180 1.84 -21.52 28.81
N PRO B 181 0.70 -21.61 29.48
CA PRO B 181 -0.12 -22.81 29.51
C PRO B 181 -0.73 -23.12 28.16
N LEU B 182 -0.74 -24.39 27.80
CA LEU B 182 -1.49 -24.82 26.65
C LEU B 182 -2.79 -25.43 27.21
N THR B 183 -3.93 -24.78 26.98
CA THR B 183 -5.19 -25.24 27.54
CA THR B 183 -5.18 -25.26 27.54
C THR B 183 -6.11 -25.82 26.47
N TYR B 184 -6.81 -26.89 26.82
CA TYR B 184 -7.71 -27.56 25.88
C TYR B 184 -9.21 -27.30 26.10
N GLU B 185 -9.91 -27.05 25.00
CA GLU B 185 -11.34 -26.86 25.00
C GLU B 185 -11.96 -27.94 24.15
N LYS B 186 -12.81 -28.74 24.78
CA LYS B 186 -13.51 -29.82 24.12
C LYS B 186 -14.45 -29.27 23.06
N LEU B 187 -14.51 -29.95 21.92
CA LEU B 187 -15.47 -29.59 20.87
C LEU B 187 -16.90 -29.77 21.37
N ASN B 188 -17.80 -28.88 20.97
CA ASN B 188 -19.20 -29.05 21.35
C ASN B 188 -19.92 -29.80 20.26
N HIS B 189 -19.24 -29.93 19.12
CA HIS B 189 -19.69 -30.75 17.99
CA HIS B 189 -19.68 -30.79 18.03
C HIS B 189 -18.52 -31.06 17.05
N ASP B 190 -18.46 -32.29 16.54
CA ASP B 190 -17.42 -32.68 15.60
C ASP B 190 -17.74 -32.22 14.20
N LEU B 191 -17.68 -30.92 13.93
CA LEU B 191 -18.03 -30.45 12.58
C LEU B 191 -17.02 -29.39 12.16
N TYR B 192 -17.26 -28.16 12.62
CA TYR B 192 -16.23 -27.15 12.59
C TYR B 192 -15.36 -27.41 13.81
N TRP B 193 -14.26 -26.68 13.94
CA TRP B 193 -13.53 -26.68 15.19
C TRP B 193 -14.23 -25.67 16.10
N GLN B 194 -15.33 -26.13 16.70
CA GLN B 194 -16.20 -25.27 17.46
C GLN B 194 -16.24 -25.63 18.94
N ILE B 195 -16.06 -24.62 19.79
CA ILE B 195 -16.02 -24.82 21.23
C ILE B 195 -16.98 -23.87 21.94
N THR B 196 -17.25 -24.15 23.21
CA THR B 196 -18.15 -23.31 23.99
C THR B 196 -17.37 -22.42 24.95
N LEU B 197 -17.51 -21.11 24.79
CA LEU B 197 -16.83 -20.17 25.66
C LEU B 197 -17.79 -19.05 26.05
N ASP B 198 -17.63 -18.56 27.26
CA ASP B 198 -18.28 -17.34 27.73
C ASP B 198 -17.58 -16.12 27.14
N ALA B 199 -18.35 -15.18 26.61
CA ALA B 199 -17.79 -13.97 26.01
C ALA B 199 -18.07 -12.76 26.89
N HIS B 200 -17.00 -12.11 27.37
CA HIS B 200 -17.12 -10.92 28.20
C HIS B 200 -16.51 -9.68 27.55
N VAL B 201 -17.29 -8.61 27.49
CA VAL B 201 -16.71 -7.28 27.38
C VAL B 201 -17.53 -6.33 28.24
N GLY B 202 -17.24 -6.28 29.53
CA GLY B 202 -18.00 -5.44 30.42
C GLY B 202 -17.80 -6.07 31.77
N ASN B 203 -18.76 -6.43 32.64
CA ASN B 203 -20.23 -6.24 32.57
CA ASN B 203 -20.24 -6.26 32.58
C ASN B 203 -21.02 -6.88 31.40
N ILE B 204 -20.55 -6.79 30.16
CA ILE B 204 -21.29 -7.46 29.09
C ILE B 204 -20.85 -8.91 28.95
N MET B 205 -21.82 -9.83 28.91
CA MET B 205 -21.53 -11.25 28.92
C MET B 205 -22.49 -12.04 28.04
N LEU B 206 -21.95 -12.98 27.27
CA LEU B 206 -22.79 -13.91 26.53
C LEU B 206 -22.32 -15.32 26.94
N GLU B 207 -23.14 -15.97 27.75
CA GLU B 207 -22.83 -17.27 28.33
C GLU B 207 -22.83 -18.39 27.31
N LYS B 208 -21.84 -19.27 27.44
CA LYS B 208 -21.80 -20.51 26.67
C LYS B 208 -22.02 -20.28 25.18
N ALA B 209 -21.25 -19.35 24.63
CA ALA B 209 -21.40 -18.98 23.23
C ALA B 209 -20.75 -19.99 22.30
N ASN B 210 -21.33 -20.15 21.11
CA ASN B 210 -20.73 -20.99 20.10
C ASN B 210 -19.52 -20.28 19.46
N CYS B 211 -18.34 -20.90 19.53
CA CYS B 211 -17.12 -20.28 19.00
C CYS B 211 -16.41 -21.21 18.03
N ILE B 212 -16.27 -20.73 16.79
CA ILE B 212 -15.64 -21.48 15.72
C ILE B 212 -14.26 -20.93 15.45
N VAL B 213 -13.24 -21.78 15.55
CA VAL B 213 -11.87 -21.36 15.23
C VAL B 213 -11.62 -21.60 13.73
N ASP B 214 -11.54 -20.51 12.98
CA ASP B 214 -11.61 -20.59 11.53
C ASP B 214 -10.47 -19.86 10.83
N SER B 215 -9.48 -20.61 10.38
CA SER B 215 -8.31 -20.02 9.76
C SER B 215 -8.66 -19.43 8.40
N GLY B 216 -9.81 -19.82 7.87
CA GLY B 216 -10.26 -19.38 6.54
C GLY B 216 -11.07 -18.08 6.54
N THR B 217 -11.16 -17.46 7.70
CA THR B 217 -11.81 -16.17 7.85
C THR B 217 -10.76 -15.21 8.40
N SER B 218 -10.57 -14.09 7.72
CA SER B 218 -9.47 -13.20 8.08
C SER B 218 -9.92 -12.17 9.11
N ALA B 219 -11.20 -12.19 9.46
CA ALA B 219 -11.72 -11.28 10.47
C ALA B 219 -12.19 -12.04 11.70
N ILE B 220 -12.45 -11.31 12.78
CA ILE B 220 -13.29 -11.76 13.88
C ILE B 220 -14.75 -11.40 13.54
N THR B 221 -15.68 -12.35 13.63
CA THR B 221 -17.08 -11.97 13.52
C THR B 221 -17.74 -12.15 14.89
N VAL B 222 -18.77 -11.34 15.14
CA VAL B 222 -19.38 -11.17 16.45
C VAL B 222 -20.88 -10.96 16.21
N PRO B 223 -21.73 -11.52 17.09
CA PRO B 223 -23.17 -11.20 16.98
C PRO B 223 -23.36 -9.68 17.00
N THR B 224 -24.21 -9.15 16.12
CA THR B 224 -24.24 -7.71 15.93
C THR B 224 -24.68 -6.96 17.19
N ASP B 225 -25.71 -7.48 17.87
CA ASP B 225 -26.19 -6.85 19.10
C ASP B 225 -25.12 -6.85 20.18
N PHE B 226 -24.40 -7.95 20.30
CA PHE B 226 -23.26 -8.01 21.20
C PHE B 226 -22.24 -6.95 20.81
N LEU B 227 -21.99 -6.81 19.51
CA LEU B 227 -20.99 -5.87 19.02
C LEU B 227 -21.42 -4.41 19.29
N ASN B 228 -22.68 -4.10 19.02
CA ASN B 228 -23.24 -2.80 19.33
C ASN B 228 -23.03 -2.44 20.80
N LYS B 229 -23.55 -3.26 21.69
CA LYS B 229 -23.44 -3.02 23.13
C LYS B 229 -21.98 -2.89 23.54
N MET B 230 -21.15 -3.71 22.94
CA MET B 230 -19.71 -3.71 23.20
C MET B 230 -19.06 -2.35 22.95
N LEU B 231 -19.55 -1.68 21.93
CA LEU B 231 -18.88 -0.50 21.38
C LEU B 231 -19.50 0.82 21.80
N GLN B 232 -20.53 0.73 22.64
CA GLN B 232 -21.33 1.89 23.00
C GLN B 232 -20.50 2.87 23.83
N ASN B 233 -20.48 4.14 23.40
CA ASN B 233 -19.71 5.21 24.01
C ASN B 233 -18.20 5.08 23.85
N LEU B 234 -17.76 4.29 22.88
CA LEU B 234 -16.33 4.03 22.66
C LEU B 234 -15.74 4.76 21.44
N ASP B 235 -16.54 5.61 20.80
CA ASP B 235 -16.08 6.41 19.68
C ASP B 235 -15.66 5.55 18.49
N VAL B 236 -16.40 4.49 18.26
CA VAL B 236 -16.21 3.71 17.06
C VAL B 236 -17.38 4.03 16.14
N ILE B 237 -17.08 4.25 14.86
CA ILE B 237 -18.08 4.68 13.90
C ILE B 237 -18.44 3.59 12.92
N LYS B 238 -19.74 3.31 12.83
CA LYS B 238 -20.24 2.36 11.84
C LYS B 238 -20.40 3.07 10.49
N VAL B 239 -19.74 2.58 9.44
CA VAL B 239 -19.91 3.23 8.14
C VAL B 239 -21.25 2.93 7.48
N PRO B 240 -22.03 3.97 7.14
CA PRO B 240 -23.32 3.79 6.48
C PRO B 240 -23.23 2.88 5.26
N PHE B 241 -24.21 1.97 5.16
CA PHE B 241 -24.40 1.07 4.02
C PHE B 241 -23.27 0.08 3.82
N LEU B 242 -22.33 0.04 4.75
CA LEU B 242 -21.22 -0.89 4.67
C LEU B 242 -21.09 -1.64 5.99
N PRO B 243 -20.46 -2.82 5.95
CA PRO B 243 -20.35 -3.54 7.23
C PRO B 243 -19.14 -3.14 8.04
N PHE B 244 -18.56 -1.97 7.79
CA PHE B 244 -17.30 -1.67 8.43
C PHE B 244 -17.42 -0.65 9.55
N TYR B 245 -16.58 -0.86 10.56
CA TYR B 245 -16.45 0.04 11.68
C TYR B 245 -15.10 0.73 11.65
N VAL B 246 -15.14 2.03 11.93
CA VAL B 246 -13.98 2.86 11.75
C VAL B 246 -13.73 3.65 13.05
N THR B 247 -12.48 3.95 13.34
CA THR B 247 -12.14 4.66 14.58
C THR B 247 -10.79 5.37 14.45
N LEU B 248 -10.51 6.30 15.35
CA LEU B 248 -9.17 6.88 15.49
C LEU B 248 -8.21 5.79 15.99
N CYS B 249 -7.00 5.76 15.42
CA CYS B 249 -6.02 4.73 15.75
C CYS B 249 -5.52 4.85 17.18
N ASN B 250 -5.65 6.03 17.77
CA ASN B 250 -5.16 6.23 19.13
C ASN B 250 -6.32 6.17 20.13
N ASN B 251 -7.44 5.59 19.71
CA ASN B 251 -8.62 5.51 20.55
C ASN B 251 -8.35 4.64 21.78
N SER B 252 -8.23 5.29 22.94
CA SER B 252 -7.87 4.61 24.17
C SER B 252 -9.04 3.88 24.84
N LYS B 253 -10.25 4.01 24.27
CA LYS B 253 -11.43 3.34 24.81
C LYS B 253 -11.68 1.96 24.21
N LEU B 254 -10.89 1.56 23.22
CA LEU B 254 -11.14 0.31 22.50
C LEU B 254 -11.11 -0.87 23.46
N PRO B 255 -12.12 -1.74 23.33
CA PRO B 255 -12.36 -2.81 24.30
C PRO B 255 -11.53 -4.03 24.01
N THR B 256 -11.39 -4.89 25.02
CA THR B 256 -10.69 -6.15 24.87
C THR B 256 -11.70 -7.31 24.93
N PHE B 257 -11.72 -8.15 23.90
CA PHE B 257 -12.53 -9.37 23.93
C PHE B 257 -12.01 -10.32 24.99
N GLU B 258 -12.93 -10.92 25.73
CA GLU B 258 -12.53 -11.90 26.70
C GLU B 258 -13.39 -13.16 26.60
N PHE B 259 -12.72 -14.28 26.36
CA PHE B 259 -13.38 -15.56 26.24
C PHE B 259 -12.90 -16.50 27.32
N THR B 260 -13.83 -17.03 28.10
CA THR B 260 -13.49 -17.86 29.24
C THR B 260 -14.20 -19.21 29.23
N SER B 261 -13.53 -20.22 29.77
CA SER B 261 -14.12 -21.52 30.05
C SER B 261 -13.76 -21.84 31.47
N GLU B 262 -14.04 -23.07 31.90
CA GLU B 262 -13.62 -23.53 33.21
CA GLU B 262 -13.62 -23.56 33.21
C GLU B 262 -12.11 -23.77 33.22
N ASN B 263 -11.55 -24.01 32.04
CA ASN B 263 -10.13 -24.34 31.93
C ASN B 263 -9.21 -23.19 31.57
N GLY B 264 -9.74 -22.15 30.93
CA GLY B 264 -8.86 -21.10 30.46
C GLY B 264 -9.50 -19.76 30.16
N LYS B 265 -8.63 -18.81 29.83
CA LYS B 265 -9.04 -17.45 29.59
C LYS B 265 -8.27 -16.91 28.40
N TYR B 266 -9.01 -16.42 27.41
CA TYR B 266 -8.39 -15.95 26.21
C TYR B 266 -8.89 -14.56 25.95
N THR B 267 -7.96 -13.67 25.63
CA THR B 267 -8.31 -12.29 25.39
C THR B 267 -7.75 -11.83 24.06
N LEU B 268 -8.42 -10.82 23.49
CA LEU B 268 -8.02 -10.22 22.24
C LEU B 268 -8.07 -8.68 22.36
N GLU B 269 -6.89 -8.07 22.43
CA GLU B 269 -6.72 -6.62 22.64
C GLU B 269 -6.79 -5.86 21.33
N PRO B 270 -7.06 -4.55 21.39
CA PRO B 270 -7.23 -3.74 20.17
C PRO B 270 -6.08 -3.88 19.18
N GLU B 271 -4.87 -4.07 19.70
CA GLU B 271 -3.71 -4.20 18.84
C GLU B 271 -3.87 -5.34 17.84
N TYR B 272 -4.65 -6.38 18.18
CA TYR B 272 -4.81 -7.50 17.26
C TYR B 272 -5.95 -7.30 16.26
N TYR B 273 -6.84 -6.33 16.47
CA TYR B 273 -7.90 -6.15 15.49
C TYR B 273 -7.91 -4.78 14.80
N LEU B 274 -6.91 -3.97 15.07
CA LEU B 274 -6.84 -2.64 14.44
C LEU B 274 -6.09 -2.66 13.12
N GLN B 275 -6.77 -2.27 12.05
CA GLN B 275 -6.17 -2.13 10.74
C GLN B 275 -6.03 -0.65 10.40
N HIS B 276 -4.83 -0.24 10.03
CA HIS B 276 -4.55 1.16 9.74
C HIS B 276 -4.90 1.51 8.31
N ILE B 277 -5.74 2.53 8.14
CA ILE B 277 -6.10 3.04 6.83
C ILE B 277 -5.21 4.20 6.44
N GLU B 278 -5.15 5.21 7.31
CA GLU B 278 -4.30 6.34 7.03
C GLU B 278 -3.73 6.90 8.34
N ASP B 279 -2.40 6.95 8.45
CA ASP B 279 -1.78 7.38 9.69
C ASP B 279 -1.44 8.87 9.72
N VAL B 280 -2.45 9.72 9.54
CA VAL B 280 -2.24 11.15 9.76
C VAL B 280 -2.82 11.52 11.11
N GLY B 281 -2.06 12.29 11.87
CA GLY B 281 -2.44 12.70 13.21
C GLY B 281 -2.79 11.53 14.11
N PRO B 282 -4.01 11.53 14.65
CA PRO B 282 -4.43 10.43 15.53
C PRO B 282 -4.59 9.12 14.76
N GLY B 283 -4.73 9.22 13.44
CA GLY B 283 -4.81 8.02 12.61
C GLY B 283 -6.22 7.53 12.37
N LEU B 284 -6.45 7.06 11.16
CA LEU B 284 -7.74 6.51 10.80
C LEU B 284 -7.63 5.01 10.67
N CYS B 285 -8.38 4.28 11.51
CA CYS B 285 -8.31 2.83 11.53
C CYS B 285 -9.65 2.15 11.28
N MET B 286 -9.57 0.89 10.89
CA MET B 286 -10.75 0.07 10.68
C MET B 286 -10.69 -1.15 11.58
N LEU B 287 -11.81 -1.51 12.17
CA LEU B 287 -11.87 -2.71 13.00
C LEU B 287 -11.85 -3.93 12.11
N ASN B 288 -11.00 -4.88 12.44
CA ASN B 288 -11.01 -6.12 11.69
C ASN B 288 -12.03 -7.03 12.30
N ILE B 289 -13.23 -6.46 12.47
CA ILE B 289 -14.37 -7.07 13.12
C ILE B 289 -15.65 -6.85 12.31
N ILE B 290 -16.43 -7.90 12.17
CA ILE B 290 -17.66 -7.79 11.41
C ILE B 290 -18.83 -8.38 12.19
N GLY B 291 -19.93 -7.65 12.22
CA GLY B 291 -21.13 -8.13 12.86
C GLY B 291 -21.71 -9.21 11.97
N LEU B 292 -22.08 -10.34 12.55
CA LEU B 292 -22.63 -11.42 11.73
C LEU B 292 -23.51 -12.31 12.60
N ASP B 293 -24.75 -12.51 12.15
CA ASP B 293 -25.75 -13.24 12.93
C ASP B 293 -26.10 -14.61 12.37
N PHE B 294 -25.94 -15.63 13.19
CA PHE B 294 -26.24 -16.99 12.80
C PHE B 294 -27.44 -17.48 13.58
N PRO B 295 -28.11 -18.54 13.07
CA PRO B 295 -29.25 -19.14 13.77
C PRO B 295 -28.90 -19.42 15.22
N VAL B 296 -27.73 -20.00 15.44
CA VAL B 296 -27.18 -20.08 16.78
C VAL B 296 -26.14 -18.98 16.84
N PRO B 297 -26.29 -18.05 17.80
CA PRO B 297 -25.35 -16.95 17.99
C PRO B 297 -23.94 -17.51 18.08
N THR B 298 -23.03 -17.00 17.24
CA THR B 298 -21.71 -17.60 17.09
C THR B 298 -20.66 -16.52 16.98
N PHE B 299 -19.50 -16.76 17.60
CA PHE B 299 -18.34 -15.92 17.33
C PHE B 299 -17.47 -16.71 16.37
N ILE B 300 -16.96 -16.05 15.34
CA ILE B 300 -15.94 -16.68 14.52
C ILE B 300 -14.59 -16.09 14.84
N LEU B 301 -13.78 -16.94 15.45
CA LEU B 301 -12.42 -16.61 15.84
C LEU B 301 -11.52 -16.90 14.65
N GLY B 302 -11.40 -15.92 13.75
CA GLY B 302 -10.61 -16.10 12.55
C GLY B 302 -9.16 -15.76 12.80
N ASP B 303 -8.49 -15.39 11.73
CA ASP B 303 -7.05 -15.09 11.77
C ASP B 303 -6.59 -14.11 12.85
N PRO B 304 -7.38 -13.04 13.14
CA PRO B 304 -6.83 -12.17 14.20
C PRO B 304 -6.64 -12.89 15.52
N PHE B 305 -7.51 -13.85 15.81
CA PHE B 305 -7.38 -14.63 17.03
C PHE B 305 -6.19 -15.58 16.97
N MET B 306 -6.03 -16.26 15.84
CA MET B 306 -4.95 -17.24 15.67
C MET B 306 -3.56 -16.60 15.59
N ARG B 307 -3.47 -15.31 15.24
CA ARG B 307 -2.16 -14.66 15.23
CA ARG B 307 -2.16 -14.65 15.23
C ARG B 307 -1.67 -14.42 16.65
N LYS B 308 -2.59 -14.18 17.57
CA LYS B 308 -2.18 -14.02 18.96
C LYS B 308 -1.94 -15.39 19.59
N TYR B 309 -2.81 -16.34 19.27
CA TYR B 309 -2.76 -17.65 19.94
C TYR B 309 -2.38 -18.77 19.00
N PHE B 310 -1.34 -19.47 19.42
CA PHE B 310 -1.00 -20.73 18.85
C PHE B 310 -2.15 -21.69 19.04
N THR B 311 -2.56 -22.41 18.00
CA THR B 311 -3.69 -23.29 18.16
C THR B 311 -3.41 -24.73 17.75
N VAL B 312 -3.99 -25.64 18.53
CA VAL B 312 -3.82 -27.07 18.32
C VAL B 312 -5.17 -27.71 18.01
N PHE B 313 -5.22 -28.48 16.92
CA PHE B 313 -6.47 -29.08 16.50
C PHE B 313 -6.35 -30.59 16.58
N ASP B 314 -6.91 -31.15 17.65
CA ASP B 314 -6.71 -32.55 17.99
C ASP B 314 -7.95 -33.40 17.63
N TYR B 315 -7.85 -34.19 16.56
CA TYR B 315 -8.95 -35.10 16.19
C TYR B 315 -9.07 -36.21 17.22
N ASP B 316 -7.93 -36.73 17.66
CA ASP B 316 -7.92 -37.86 18.59
C ASP B 316 -8.66 -37.52 19.88
N ASN B 317 -8.44 -36.33 20.42
CA ASN B 317 -9.07 -35.97 21.69
C ASN B 317 -10.24 -35.01 21.53
N HIS B 318 -10.64 -34.82 20.28
CA HIS B 318 -11.81 -33.99 19.93
C HIS B 318 -11.79 -32.63 20.62
N SER B 319 -10.69 -31.91 20.47
CA SER B 319 -10.58 -30.63 21.14
C SER B 319 -9.64 -29.63 20.46
N VAL B 320 -9.73 -28.38 20.90
CA VAL B 320 -8.82 -27.34 20.46
C VAL B 320 -7.88 -26.95 21.60
N GLY B 321 -6.57 -26.93 21.30
CA GLY B 321 -5.57 -26.51 22.26
C GLY B 321 -5.23 -25.06 21.93
N ILE B 322 -5.11 -24.23 22.95
CA ILE B 322 -4.86 -22.83 22.76
C ILE B 322 -3.76 -22.34 23.69
N ALA B 323 -2.80 -21.63 23.16
CA ALA B 323 -1.76 -21.06 24.00
C ALA B 323 -1.21 -19.82 23.31
N LEU B 324 -0.57 -18.94 24.08
CA LEU B 324 0.00 -17.71 23.54
C LEU B 324 1.14 -17.99 22.55
N ALA B 325 0.98 -17.51 21.31
CA ALA B 325 2.02 -17.73 20.30
C ALA B 325 3.31 -17.00 20.69
N LYS B 326 4.45 -17.67 20.50
CA LYS B 326 5.74 -17.01 20.73
C LYS B 326 5.91 -15.85 19.76
N LYS B 327 6.43 -14.74 20.27
CA LYS B 327 6.58 -13.52 19.48
C LYS B 327 7.66 -13.66 18.39
N ASN B 328 8.68 -14.46 18.66
CA ASN B 328 9.74 -14.70 17.69
C ASN B 328 10.16 -16.14 17.71
N LEU B 329 10.65 -16.65 16.57
CA LEU B 329 11.16 -18.00 16.52
C LEU B 329 12.68 -17.99 16.71
N SER C 1 34.25 8.73 4.30
CA SER C 1 33.74 10.06 4.59
C SER C 1 34.25 10.62 5.91
N SER C 2 34.45 11.93 5.95
CA SER C 2 34.79 12.63 7.19
C SER C 2 33.69 12.46 8.25
N ASN C 3 32.46 12.27 7.76
CA ASN C 3 31.25 12.31 8.56
C ASN C 3 30.67 10.95 8.94
N ASP C 4 29.67 10.98 9.81
CA ASP C 4 28.90 9.79 10.14
C ASP C 4 27.52 9.79 9.53
N ASN C 5 27.21 8.70 8.81
CA ASN C 5 25.95 8.60 8.11
C ASN C 5 25.12 7.45 8.67
N ILE C 6 23.87 7.73 9.00
CA ILE C 6 22.95 6.69 9.40
C ILE C 6 21.81 6.64 8.37
N GLU C 7 21.58 5.48 7.79
CA GLU C 7 20.55 5.37 6.75
C GLU C 7 19.13 5.44 7.32
N LEU C 8 18.29 6.25 6.68
CA LEU C 8 16.89 6.39 7.09
C LEU C 8 15.95 5.55 6.24
N VAL C 9 15.02 4.86 6.91
CA VAL C 9 14.07 4.02 6.19
C VAL C 9 12.68 4.65 6.17
N ASP C 10 12.08 4.74 4.99
CA ASP C 10 10.75 5.32 4.87
C ASP C 10 9.66 4.35 5.31
N PHE C 11 8.58 4.91 5.87
CA PHE C 11 7.46 4.08 6.29
C PHE C 11 6.14 4.75 5.88
N GLN C 12 5.49 4.17 4.86
CA GLN C 12 4.19 4.64 4.38
C GLN C 12 4.12 6.11 4.01
N ASN C 13 5.25 6.70 3.64
CA ASN C 13 5.30 8.10 3.21
C ASN C 13 4.79 9.04 4.31
N ILE C 14 4.80 8.57 5.55
CA ILE C 14 4.36 9.35 6.69
C ILE C 14 5.48 9.59 7.71
N MET C 15 6.24 8.55 8.01
CA MET C 15 7.33 8.66 8.97
CA MET C 15 7.34 8.67 8.96
C MET C 15 8.55 7.86 8.51
N PHE C 16 9.71 8.18 9.10
CA PHE C 16 10.92 7.45 8.80
C PHE C 16 11.55 6.98 10.11
N TYR C 17 12.46 6.01 10.01
CA TYR C 17 13.15 5.49 11.17
C TYR C 17 14.62 5.26 10.86
N GLY C 18 15.40 5.09 11.93
CA GLY C 18 16.80 4.75 11.81
C GLY C 18 17.17 3.74 12.87
N ASP C 19 18.26 3.00 12.64
CA ASP C 19 18.73 2.01 13.60
C ASP C 19 19.92 2.53 14.40
N ALA C 20 19.97 2.10 15.65
CA ALA C 20 21.12 2.36 16.52
C ALA C 20 21.22 1.24 17.56
N GLU C 21 22.35 1.15 18.29
CA GLU C 21 22.46 0.09 19.27
C GLU C 21 22.91 0.64 20.63
N VAL C 22 22.52 -0.09 21.68
CA VAL C 22 22.89 0.22 23.06
C VAL C 22 23.56 -0.99 23.69
N GLY C 23 24.65 -0.76 24.42
CA GLY C 23 25.40 -1.86 25.04
C GLY C 23 26.65 -2.19 24.25
N ASP C 24 27.64 -2.79 24.92
CA ASP C 24 28.91 -3.15 24.27
C ASP C 24 28.75 -4.34 23.31
N ASN C 25 27.72 -5.15 23.56
CA ASN C 25 27.38 -6.24 22.65
C ASN C 25 26.48 -5.78 21.52
N GLN C 26 26.26 -4.46 21.49
CA GLN C 26 25.49 -3.77 20.45
C GLN C 26 24.13 -4.41 20.12
N GLN C 27 23.24 -4.42 21.11
CA GLN C 27 21.84 -4.81 20.92
C GLN C 27 21.14 -3.80 20.01
N PRO C 28 20.57 -4.27 18.89
CA PRO C 28 20.08 -3.31 17.90
C PRO C 28 18.66 -2.83 18.21
N PHE C 29 18.37 -1.57 17.92
CA PHE C 29 17.04 -1.02 18.09
C PHE C 29 16.64 -0.13 16.92
N THR C 30 15.34 -0.01 16.70
CA THR C 30 14.80 0.92 15.71
C THR C 30 14.23 2.17 16.38
N PHE C 31 14.72 3.32 15.97
CA PHE C 31 14.35 4.57 16.59
C PHE C 31 13.62 5.53 15.66
N ILE C 32 12.69 6.26 16.25
CA ILE C 32 12.27 7.54 15.71
C ILE C 32 13.36 8.54 16.04
N LEU C 33 13.95 9.12 15.01
CA LEU C 33 14.97 10.13 15.22
C LEU C 33 14.29 11.49 15.28
N ASP C 34 14.26 12.07 16.49
CA ASP C 34 13.30 13.10 16.85
C ASP C 34 13.98 14.41 17.25
N THR C 35 14.02 15.39 16.36
CA THR C 35 14.56 16.70 16.70
C THR C 35 13.62 17.50 17.63
N GLY C 36 12.42 16.98 17.87
CA GLY C 36 11.47 17.65 18.75
C GLY C 36 11.57 17.21 20.22
N SER C 37 12.50 16.32 20.54
CA SER C 37 12.77 15.94 21.93
C SER C 37 14.28 15.71 22.16
N ALA C 38 14.66 15.36 23.39
CA ALA C 38 16.06 15.41 23.72
C ALA C 38 16.52 14.32 24.69
N ASN C 39 15.78 13.22 24.73
CA ASN C 39 16.21 12.05 25.49
C ASN C 39 16.24 10.82 24.60
N LEU C 40 17.10 9.88 24.93
CA LEU C 40 17.07 8.60 24.26
C LEU C 40 16.24 7.65 25.11
N TRP C 41 15.17 7.09 24.56
CA TRP C 41 14.50 6.07 25.37
CA TRP C 41 14.29 6.14 25.27
C TRP C 41 14.40 4.75 24.64
N VAL C 42 14.50 3.70 25.45
CA VAL C 42 14.43 2.34 24.95
C VAL C 42 13.61 1.46 25.89
N PRO C 43 12.84 0.52 25.30
CA PRO C 43 12.10 -0.41 26.14
C PRO C 43 13.05 -1.44 26.78
N SER C 44 12.82 -1.73 28.06
CA SER C 44 13.66 -2.65 28.84
C SER C 44 13.12 -4.09 28.76
N VAL C 45 13.98 -5.08 29.03
CA VAL C 45 13.48 -6.45 29.20
C VAL C 45 12.59 -6.56 30.44
N LYS C 46 12.77 -5.63 31.37
CA LYS C 46 11.97 -5.62 32.59
C LYS C 46 10.56 -5.12 32.33
N CYS C 47 10.33 -4.64 31.11
CA CYS C 47 9.00 -4.24 30.66
C CYS C 47 8.21 -5.42 30.11
N THR C 48 7.05 -5.68 30.71
CA THR C 48 6.22 -6.83 30.36
C THR C 48 4.85 -6.42 29.81
N THR C 49 4.72 -5.14 29.47
CA THR C 49 3.49 -4.65 28.88
C THR C 49 3.24 -5.31 27.54
N ALA C 50 2.01 -5.27 27.05
CA ALA C 50 1.65 -5.91 25.80
C ALA C 50 2.50 -5.37 24.64
N GLY C 51 2.75 -4.08 24.66
CA GLY C 51 3.52 -3.44 23.61
C GLY C 51 4.98 -3.86 23.55
N CYS C 52 5.62 -3.91 24.72
CA CYS C 52 7.04 -4.26 24.80
C CYS C 52 7.32 -5.66 24.26
N LEU C 53 6.34 -6.54 24.40
CA LEU C 53 6.49 -7.94 24.01
C LEU C 53 6.72 -8.09 22.51
N THR C 54 6.44 -7.03 21.77
CA THR C 54 6.63 -7.01 20.32
C THR C 54 7.91 -6.26 19.88
N LYS C 55 8.68 -5.73 20.83
CA LYS C 55 9.82 -4.88 20.50
C LYS C 55 11.18 -5.52 20.80
N HIS C 56 12.24 -4.96 20.21
CA HIS C 56 13.59 -5.27 20.68
C HIS C 56 13.79 -4.63 22.05
N LEU C 57 14.30 -5.41 23.00
CA LEU C 57 14.42 -4.96 24.38
C LEU C 57 15.86 -4.86 24.86
N TYR C 58 16.14 -3.92 25.74
CA TYR C 58 17.50 -3.74 26.25
C TYR C 58 17.74 -4.52 27.53
N ASP C 59 18.74 -5.40 27.48
CA ASP C 59 19.16 -6.19 28.64
C ASP C 59 20.50 -5.68 29.14
N SER C 60 20.47 -4.94 30.25
CA SER C 60 21.68 -4.38 30.79
C SER C 60 22.64 -5.47 31.25
N SER C 61 22.10 -6.63 31.61
CA SER C 61 22.92 -7.72 32.14
C SER C 61 23.82 -8.33 31.07
N LYS C 62 23.55 -8.01 29.81
CA LYS C 62 24.31 -8.54 28.69
C LYS C 62 25.43 -7.58 28.25
N SER C 63 25.51 -6.44 28.91
CA SER C 63 26.51 -5.43 28.54
C SER C 63 27.56 -5.19 29.62
N ARG C 64 28.84 -5.36 29.29
CA ARG C 64 29.88 -5.16 30.31
C ARG C 64 30.10 -3.67 30.61
N THR C 65 29.60 -2.81 29.72
CA THR C 65 29.83 -1.37 29.84
C THR C 65 28.65 -0.65 30.47
N TYR C 66 27.66 -1.42 30.91
CA TYR C 66 26.49 -0.86 31.59
C TYR C 66 26.88 -0.27 32.95
N GLU C 67 26.30 0.88 33.30
CA GLU C 67 26.46 1.43 34.63
C GLU C 67 25.09 1.74 35.20
N LYS C 68 24.81 1.28 36.40
CA LYS C 68 23.48 1.44 36.99
C LYS C 68 23.23 2.93 37.34
N ASP C 69 21.99 3.37 37.15
CA ASP C 69 21.60 4.68 37.68
C ASP C 69 20.32 4.53 38.50
N GLY C 70 19.22 4.22 37.83
CA GLY C 70 17.96 3.96 38.51
C GLY C 70 17.05 5.16 38.76
N THR C 71 17.56 6.36 38.53
CA THR C 71 16.74 7.56 38.72
C THR C 71 15.43 7.47 37.91
N LYS C 72 14.32 7.50 38.64
CA LYS C 72 13.00 7.28 38.07
C LYS C 72 12.57 8.38 37.11
N VAL C 73 11.77 8.01 36.11
CA VAL C 73 11.30 8.96 35.12
C VAL C 73 9.87 8.60 34.85
N GLU C 74 8.99 9.59 34.79
CA GLU C 74 7.60 9.26 34.53
C GLU C 74 6.86 10.37 33.79
N MET C 75 6.28 10.00 32.65
CA MET C 75 5.43 10.89 31.85
C MET C 75 3.95 10.56 32.15
N ASN C 76 3.16 11.56 32.51
CA ASN C 76 1.75 11.33 32.84
C ASN C 76 0.79 11.93 31.82
N TYR C 77 0.28 11.09 30.92
CA TYR C 77 -0.67 11.56 29.92
C TYR C 77 -2.08 11.27 30.38
N VAL C 78 -3.06 11.94 29.78
CA VAL C 78 -4.47 11.66 30.05
C VAL C 78 -4.76 10.18 29.76
N SER C 79 -4.18 9.67 28.68
CA SER C 79 -4.30 8.26 28.30
C SER C 79 -3.83 7.35 29.42
N GLY C 80 -2.70 7.69 30.01
CA GLY C 80 -2.09 6.87 31.03
C GLY C 80 -0.64 7.28 31.23
N THR C 81 0.13 6.41 31.86
CA THR C 81 1.45 6.76 32.32
C THR C 81 2.53 5.98 31.58
N VAL C 82 3.62 6.66 31.21
CA VAL C 82 4.82 5.94 30.82
C VAL C 82 5.91 6.23 31.84
N SER C 83 6.57 5.18 32.31
CA SER C 83 7.61 5.32 33.32
C SER C 83 8.80 4.39 33.13
N GLY C 84 9.92 4.75 33.74
CA GLY C 84 11.09 3.91 33.72
C GLY C 84 12.20 4.55 34.52
N PHE C 85 13.46 4.20 34.21
CA PHE C 85 14.60 4.76 34.95
C PHE C 85 15.80 5.01 34.06
N PHE C 86 16.67 5.92 34.50
CA PHE C 86 17.88 6.23 33.75
C PHE C 86 18.89 5.10 33.86
N SER C 87 19.68 4.96 32.80
CA SER C 87 20.78 4.02 32.74
C SER C 87 21.90 4.61 31.89
N LYS C 88 23.12 4.15 32.08
CA LYS C 88 24.22 4.58 31.25
C LYS C 88 24.87 3.37 30.58
N ASP C 89 25.12 3.47 29.29
CA ASP C 89 25.78 2.41 28.53
C ASP C 89 26.32 3.01 27.25
N LEU C 90 27.02 2.17 26.49
CA LEU C 90 27.55 2.56 25.20
C LEU C 90 26.42 2.67 24.20
N VAL C 91 26.29 3.84 23.59
CA VAL C 91 25.32 4.02 22.53
C VAL C 91 26.07 4.13 21.20
N THR C 92 25.63 3.40 20.18
CA THR C 92 26.30 3.49 18.89
C THR C 92 25.34 3.94 17.79
N VAL C 93 25.72 5.03 17.11
CA VAL C 93 24.98 5.54 15.97
C VAL C 93 25.92 5.67 14.77
N GLY C 94 25.60 4.96 13.69
CA GLY C 94 26.48 4.92 12.54
C GLY C 94 27.81 4.31 12.90
N ASN C 95 28.90 5.00 12.55
CA ASN C 95 30.23 4.47 12.85
C ASN C 95 30.92 5.20 13.99
N LEU C 96 30.11 5.89 14.80
CA LEU C 96 30.59 6.52 16.02
C LEU C 96 29.90 5.95 17.26
N SER C 97 30.63 5.86 18.37
CA SER C 97 30.06 5.35 19.62
C SER C 97 30.49 6.22 20.81
N LEU C 98 29.65 6.24 21.86
CA LEU C 98 29.98 6.99 23.07
C LEU C 98 29.18 6.47 24.25
N PRO C 99 29.75 6.53 25.46
CA PRO C 99 28.95 6.22 26.64
C PRO C 99 27.90 7.30 26.84
N TYR C 100 26.65 6.90 27.03
CA TYR C 100 25.56 7.87 27.05
CA TYR C 100 25.56 7.87 27.05
C TYR C 100 24.49 7.52 28.08
N LYS C 101 23.85 8.56 28.62
CA LYS C 101 22.79 8.40 29.59
C LYS C 101 21.45 8.29 28.86
N PHE C 102 20.68 7.27 29.20
CA PHE C 102 19.41 7.06 28.52
C PHE C 102 18.36 6.51 29.46
N ILE C 103 17.15 6.41 28.94
CA ILE C 103 16.02 5.98 29.77
C ILE C 103 15.57 4.57 29.41
N GLU C 104 15.51 3.72 30.42
CA GLU C 104 14.92 2.38 30.32
C GLU C 104 13.43 2.45 30.65
N VAL C 105 12.57 2.21 29.67
CA VAL C 105 11.13 2.23 29.92
C VAL C 105 10.66 0.87 30.39
N ILE C 106 9.97 0.82 31.53
CA ILE C 106 9.46 -0.42 32.05
C ILE C 106 7.95 -0.52 31.86
N ASP C 107 7.29 0.63 31.71
CA ASP C 107 5.85 0.63 31.49
C ASP C 107 5.44 1.59 30.39
N THR C 108 4.61 1.11 29.47
CA THR C 108 4.18 1.85 28.29
C THR C 108 2.67 2.08 28.30
N ASN C 109 2.00 1.57 29.34
CA ASN C 109 0.53 1.57 29.44
C ASN C 109 -0.11 2.88 28.99
N GLY C 110 0.57 3.99 29.17
CA GLY C 110 -0.01 5.26 28.77
C GLY C 110 0.13 5.68 27.32
N PHE C 111 0.77 4.87 26.49
CA PHE C 111 0.92 5.27 25.10
C PHE C 111 0.55 4.15 24.14
N GLU C 112 -0.47 3.40 24.51
CA GLU C 112 -0.97 2.30 23.68
C GLU C 112 -2.41 2.59 23.25
N PRO C 113 -2.89 1.95 22.16
CA PRO C 113 -2.22 0.91 21.35
C PRO C 113 -1.32 1.46 20.23
N THR C 114 -1.02 2.75 20.28
CA THR C 114 -0.15 3.36 19.27
C THR C 114 1.24 2.71 19.21
N TYR C 115 1.82 2.44 20.38
CA TYR C 115 3.17 1.89 20.47
C TYR C 115 3.25 0.50 19.83
N THR C 116 2.27 -0.34 20.16
CA THR C 116 2.21 -1.68 19.58
C THR C 116 1.97 -1.56 18.08
N ALA C 117 1.14 -0.59 17.71
CA ALA C 117 0.81 -0.32 16.31
C ALA C 117 2.01 0.18 15.52
N SER C 118 3.01 0.71 16.22
CA SER C 118 4.14 1.33 15.54
C SER C 118 5.28 0.34 15.36
N THR C 119 6.19 0.67 14.45
CA THR C 119 7.27 -0.22 14.10
C THR C 119 8.61 0.26 14.65
N PHE C 120 8.61 1.33 15.42
CA PHE C 120 9.83 1.73 16.10
C PHE C 120 9.88 1.05 17.47
N ASP C 121 11.08 0.90 18.01
CA ASP C 121 11.27 0.39 19.36
C ASP C 121 11.34 1.53 20.37
N GLY C 122 12.03 2.61 20.00
CA GLY C 122 12.25 3.68 20.95
C GLY C 122 12.38 5.01 20.24
N ILE C 123 12.78 6.03 20.99
CA ILE C 123 12.92 7.36 20.43
C ILE C 123 14.30 7.91 20.76
N LEU C 124 14.96 8.48 19.76
CA LEU C 124 16.27 9.09 19.96
C LEU C 124 16.16 10.59 19.73
N GLY C 125 16.16 11.34 20.81
CA GLY C 125 16.04 12.78 20.74
C GLY C 125 17.27 13.44 20.18
N LEU C 126 17.07 14.54 19.47
CA LEU C 126 18.16 15.29 18.84
C LEU C 126 18.00 16.79 19.07
N GLY C 127 17.31 17.15 20.14
CA GLY C 127 17.09 18.54 20.48
C GLY C 127 18.23 19.11 21.29
N TRP C 128 17.94 20.16 22.04
CA TRP C 128 18.93 20.83 22.88
C TRP C 128 18.86 20.36 24.33
N LYS C 129 19.90 20.66 25.09
CA LYS C 129 20.05 20.18 26.46
C LYS C 129 18.89 20.57 27.37
N ASP C 130 18.44 21.82 27.33
CA ASP C 130 17.41 22.27 28.27
C ASP C 130 16.05 21.61 28.03
N LEU C 131 15.89 20.98 26.87
CA LEU C 131 14.65 20.29 26.54
C LEU C 131 14.66 18.87 27.12
N SER C 132 15.84 18.41 27.54
CA SER C 132 15.98 17.05 28.05
C SER C 132 15.62 16.92 29.51
N ILE C 133 15.10 15.75 29.84
CA ILE C 133 14.95 15.31 31.22
C ILE C 133 16.32 14.83 31.68
N GLY C 134 16.73 15.25 32.88
CA GLY C 134 17.99 14.79 33.44
C GLY C 134 19.14 15.66 33.01
N SER C 135 18.81 16.75 32.31
CA SER C 135 19.77 17.75 31.86
C SER C 135 20.95 17.10 31.12
N VAL C 136 20.61 16.25 30.14
CA VAL C 136 21.62 15.48 29.43
C VAL C 136 22.17 16.19 28.18
N ASP C 137 23.49 16.24 28.04
CA ASP C 137 24.11 16.77 26.82
C ASP C 137 23.71 15.94 25.61
N PRO C 138 23.29 16.61 24.53
CA PRO C 138 22.95 15.94 23.28
C PRO C 138 24.11 15.11 22.75
N ILE C 139 23.79 13.98 22.14
CA ILE C 139 24.75 13.07 21.54
C ILE C 139 25.77 13.77 20.64
N VAL C 140 25.26 14.64 19.78
CA VAL C 140 26.10 15.29 18.77
C VAL C 140 27.04 16.31 19.41
N VAL C 141 26.61 16.95 20.48
CA VAL C 141 27.50 17.83 21.20
C VAL C 141 28.59 17.03 21.90
N GLU C 142 28.23 15.92 22.53
CA GLU C 142 29.18 15.04 23.18
C GLU C 142 30.27 14.55 22.22
N LEU C 143 29.84 14.09 21.05
CA LEU C 143 30.75 13.59 20.04
C LEU C 143 31.79 14.63 19.57
N LYS C 144 31.36 15.88 19.45
CA LYS C 144 32.26 16.98 19.11
C LYS C 144 33.27 17.25 20.23
N ASN C 145 32.80 17.36 21.47
CA ASN C 145 33.68 17.54 22.63
C ASN C 145 34.73 16.44 22.73
N GLN C 146 34.42 15.28 22.17
CA GLN C 146 35.34 14.16 22.16
C GLN C 146 36.11 14.11 20.84
N ASN C 147 35.95 15.17 20.05
CA ASN C 147 36.60 15.32 18.76
C ASN C 147 36.55 14.05 17.89
N LYS C 148 35.36 13.47 17.83
CA LYS C 148 35.07 12.33 16.96
C LYS C 148 34.38 12.82 15.69
N ILE C 149 34.03 14.10 15.67
CA ILE C 149 33.45 14.73 14.50
C ILE C 149 34.05 16.11 14.24
N GLU C 150 33.84 16.62 13.04
CA GLU C 150 34.45 17.89 12.65
C GLU C 150 33.70 19.04 13.31
N ASN C 151 32.38 18.96 13.26
CA ASN C 151 31.51 20.00 13.81
C ASN C 151 30.35 19.48 14.63
N ALA C 152 29.89 20.29 15.59
CA ALA C 152 28.74 19.92 16.38
C ALA C 152 27.46 20.21 15.59
N LEU C 153 27.21 19.38 14.59
CA LEU C 153 26.02 19.53 13.79
C LEU C 153 25.59 18.21 13.18
N PHE C 154 24.32 18.14 12.79
CA PHE C 154 23.82 16.99 12.03
C PHE C 154 22.84 17.46 10.97
N THR C 155 22.57 16.59 10.00
CA THR C 155 21.72 16.95 8.87
C THR C 155 20.72 15.85 8.56
N PHE C 156 19.55 16.24 8.08
CA PHE C 156 18.53 15.29 7.67
C PHE C 156 18.28 15.40 6.19
N TYR C 157 18.45 14.29 5.50
CA TYR C 157 18.03 14.17 4.12
C TYR C 157 17.00 13.05 4.12
N LEU C 158 15.72 13.41 4.03
CA LEU C 158 14.67 12.44 4.32
C LEU C 158 14.40 11.50 3.15
N PRO C 159 14.03 10.26 3.46
CA PRO C 159 13.68 9.31 2.41
C PRO C 159 12.36 9.67 1.75
N VAL C 160 12.22 9.34 0.47
CA VAL C 160 10.98 9.52 -0.27
C VAL C 160 10.50 8.15 -0.74
N HIS C 161 9.22 7.86 -0.46
CA HIS C 161 8.63 6.52 -0.54
C HIS C 161 9.15 5.59 -1.65
N ASP C 162 9.08 6.02 -2.91
CA ASP C 162 9.55 5.17 -4.00
C ASP C 162 10.58 5.85 -4.89
N LYS C 163 11.42 6.71 -4.32
CA LYS C 163 12.50 7.28 -5.10
C LYS C 163 13.88 7.17 -4.45
N HIS C 164 14.00 7.40 -3.15
CA HIS C 164 15.29 7.21 -2.48
C HIS C 164 15.17 7.07 -0.97
N THR C 165 16.17 6.43 -0.37
CA THR C 165 16.25 6.40 1.09
C THR C 165 16.83 7.72 1.59
N GLY C 166 16.99 7.79 2.91
CA GLY C 166 17.49 8.99 3.54
C GLY C 166 18.71 8.76 4.40
N PHE C 167 19.27 9.86 4.87
CA PHE C 167 20.41 9.83 5.77
C PHE C 167 20.34 10.90 6.85
N LEU C 168 20.57 10.47 8.08
CA LEU C 168 20.99 11.37 9.14
C LEU C 168 22.51 11.43 9.11
N THR C 169 23.04 12.60 8.83
CA THR C 169 24.48 12.75 8.78
C THR C 169 24.97 13.53 9.98
N ILE C 170 25.97 13.00 10.68
CA ILE C 170 26.53 13.66 11.83
C ILE C 170 27.97 14.13 11.58
N GLY C 171 28.23 15.42 11.79
CA GLY C 171 29.59 15.94 11.74
C GLY C 171 29.90 16.93 10.63
N GLY C 172 29.13 16.87 9.54
CA GLY C 172 29.36 17.76 8.43
C GLY C 172 28.27 17.79 7.38
N ILE C 173 28.33 18.82 6.54
CA ILE C 173 27.37 19.02 5.46
C ILE C 173 27.89 18.44 4.15
N GLU C 174 27.09 17.59 3.53
CA GLU C 174 27.46 16.95 2.27
C GLU C 174 26.61 17.53 1.15
N GLU C 175 27.25 18.13 0.16
CA GLU C 175 26.54 18.80 -0.91
C GLU C 175 25.72 17.83 -1.78
N ARG C 176 25.98 16.54 -1.65
CA ARG C 176 25.23 15.54 -2.42
C ARG C 176 23.74 15.48 -2.05
N PHE C 177 23.39 16.09 -0.91
CA PHE C 177 22.04 16.00 -0.39
C PHE C 177 21.12 17.13 -0.85
N TYR C 178 21.69 18.23 -1.33
CA TYR C 178 20.86 19.39 -1.64
C TYR C 178 21.25 20.11 -2.91
N GLU C 179 20.34 20.96 -3.37
CA GLU C 179 20.56 21.83 -4.53
C GLU C 179 20.27 23.28 -4.16
N GLY C 180 20.82 24.22 -4.91
CA GLY C 180 20.55 25.62 -4.66
C GLY C 180 21.25 26.13 -3.40
N PRO C 181 20.96 27.38 -3.02
CA PRO C 181 21.61 27.99 -1.86
C PRO C 181 21.16 27.32 -0.56
N LEU C 182 22.11 27.15 0.35
CA LEU C 182 21.84 26.68 1.70
C LEU C 182 21.72 27.89 2.61
N THR C 183 20.53 28.12 3.15
CA THR C 183 20.25 29.34 3.92
C THR C 183 20.11 29.07 5.43
N TYR C 184 20.70 29.93 6.24
CA TYR C 184 20.65 29.72 7.69
C TYR C 184 19.74 30.69 8.43
N GLU C 185 18.97 30.12 9.36
CA GLU C 185 18.08 30.84 10.23
C GLU C 185 18.51 30.61 11.68
N LYS C 186 18.81 31.68 12.39
CA LYS C 186 19.24 31.61 13.79
C LYS C 186 18.10 31.13 14.70
N LEU C 187 18.43 30.27 15.66
CA LEU C 187 17.47 29.86 16.67
C LEU C 187 17.04 31.06 17.50
N ASN C 188 15.76 31.12 17.85
CA ASN C 188 15.28 32.17 18.72
C ASN C 188 15.28 31.70 20.16
N HIS C 189 15.48 30.39 20.34
CA HIS C 189 15.50 29.76 21.66
CA HIS C 189 15.51 29.77 21.64
C HIS C 189 16.18 28.40 21.55
N ASP C 190 17.16 28.14 22.43
CA ASP C 190 17.90 26.88 22.42
C ASP C 190 17.18 25.80 23.21
N LEU C 191 16.06 25.34 22.65
CA LEU C 191 15.26 24.32 23.34
C LEU C 191 14.89 23.29 22.27
N TYR C 192 13.85 23.59 21.50
CA TYR C 192 13.58 22.91 20.24
C TYR C 192 14.48 23.51 19.18
N TRP C 193 14.48 22.94 17.98
CA TRP C 193 15.10 23.63 16.86
C TRP C 193 14.06 24.57 16.27
N GLN C 194 13.94 25.73 16.92
CA GLN C 194 12.90 26.69 16.61
C GLN C 194 13.45 28.00 16.08
N ILE C 195 12.88 28.43 14.95
CA ILE C 195 13.36 29.62 14.29
C ILE C 195 12.18 30.55 14.05
N THR C 196 12.46 31.80 13.71
CA THR C 196 11.42 32.79 13.47
C THR C 196 11.22 33.08 11.97
N LEU C 197 10.00 32.86 11.49
CA LEU C 197 9.68 33.06 10.08
C LEU C 197 8.30 33.72 9.92
N ASP C 198 8.15 34.57 8.92
CA ASP C 198 6.82 35.07 8.60
C ASP C 198 6.06 33.96 7.85
N ALA C 199 4.83 33.69 8.28
CA ALA C 199 4.03 32.60 7.68
C ALA C 199 2.86 33.13 6.85
N HIS C 200 2.87 32.76 5.59
CA HIS C 200 1.94 33.31 4.62
CA HIS C 200 1.88 33.31 4.65
C HIS C 200 1.15 32.20 3.91
N VAL C 201 -0.18 32.26 3.94
CA VAL C 201 -1.00 31.38 3.10
C VAL C 201 -2.17 32.20 2.54
N GLY C 202 -1.95 32.79 1.37
CA GLY C 202 -2.98 33.60 0.74
C GLY C 202 -2.80 34.99 1.32
N ASN C 203 -3.89 35.59 1.81
CA ASN C 203 -3.80 36.84 2.56
C ASN C 203 -3.65 36.56 4.06
N ILE C 204 -3.66 35.30 4.44
CA ILE C 204 -3.59 34.96 5.86
C ILE C 204 -2.12 34.99 6.23
N MET C 205 -1.81 35.71 7.29
CA MET C 205 -0.44 36.05 7.62
C MET C 205 -0.15 36.07 9.12
N LEU C 206 0.96 35.46 9.51
CA LEU C 206 1.45 35.52 10.87
C LEU C 206 2.88 36.00 10.87
N GLU C 207 3.07 37.24 11.26
CA GLU C 207 4.40 37.80 11.27
C GLU C 207 5.22 37.19 12.39
N LYS C 208 6.47 36.86 12.08
CA LYS C 208 7.44 36.44 13.09
C LYS C 208 6.91 35.30 13.96
N ALA C 209 6.46 34.26 13.29
CA ALA C 209 5.92 33.07 13.94
C ALA C 209 7.03 32.15 14.41
N ASN C 210 6.77 31.47 15.52
CA ASN C 210 7.71 30.47 16.00
C ASN C 210 7.57 29.20 15.15
N CYS C 211 8.68 28.74 14.58
CA CYS C 211 8.64 27.58 13.71
C CYS C 211 9.59 26.51 14.20
N ILE C 212 9.02 25.37 14.52
CA ILE C 212 9.80 24.28 15.08
C ILE C 212 10.07 23.24 14.02
N VAL C 213 11.33 22.98 13.74
CA VAL C 213 11.68 21.95 12.78
C VAL C 213 11.79 20.63 13.52
N ASP C 214 10.81 19.75 13.29
CA ASP C 214 10.66 18.54 14.09
C ASP C 214 10.50 17.28 13.26
N SER C 215 11.56 16.49 13.22
CA SER C 215 11.60 15.25 12.46
C SER C 215 10.72 14.17 13.07
N GLY C 216 10.33 14.35 14.32
CA GLY C 216 9.51 13.39 15.00
C GLY C 216 8.02 13.65 14.83
N THR C 217 7.69 14.64 13.99
CA THR C 217 6.28 14.93 13.71
C THR C 217 6.00 14.66 12.24
N SER C 218 4.96 13.90 11.98
CA SER C 218 4.65 13.45 10.64
C SER C 218 3.70 14.38 9.88
N ALA C 219 3.20 15.40 10.56
CA ALA C 219 2.34 16.38 9.90
C ALA C 219 3.00 17.75 9.89
N ILE C 220 2.41 18.65 9.13
CA ILE C 220 2.57 20.06 9.38
C ILE C 220 1.53 20.43 10.41
N THR C 221 1.91 21.12 11.49
CA THR C 221 0.89 21.65 12.38
C THR C 221 0.84 23.17 12.26
N VAL C 222 -0.35 23.68 12.54
CA VAL C 222 -0.75 25.05 12.25
C VAL C 222 -1.69 25.51 13.38
N PRO C 223 -1.61 26.80 13.77
CA PRO C 223 -2.64 27.27 14.73
C PRO C 223 -4.04 26.98 14.21
N THR C 224 -4.94 26.54 15.08
CA THR C 224 -6.24 26.09 14.61
C THR C 224 -6.98 27.20 13.85
N ASP C 225 -6.93 28.43 14.37
CA ASP C 225 -7.61 29.53 13.68
C ASP C 225 -6.97 29.79 12.30
N PHE C 226 -5.65 29.69 12.21
CA PHE C 226 -4.98 29.78 10.94
C PHE C 226 -5.48 28.67 10.01
N LEU C 227 -5.65 27.48 10.59
CA LEU C 227 -6.11 26.32 9.85
C LEU C 227 -7.54 26.50 9.34
N ASN C 228 -8.42 27.01 10.22
CA ASN C 228 -9.79 27.28 9.86
C ASN C 228 -9.88 28.20 8.65
N LYS C 229 -9.27 29.38 8.74
CA LYS C 229 -9.29 30.35 7.66
C LYS C 229 -8.65 29.76 6.40
N MET C 230 -7.58 28.98 6.59
CA MET C 230 -6.88 28.35 5.49
C MET C 230 -7.78 27.51 4.60
N LEU C 231 -8.78 26.85 5.20
CA LEU C 231 -9.50 25.81 4.49
C LEU C 231 -10.81 26.28 3.91
N GLN C 232 -11.13 27.56 4.09
CA GLN C 232 -12.38 28.10 3.57
CA GLN C 232 -12.37 28.11 3.57
C GLN C 232 -12.30 28.23 2.05
N ASN C 233 -13.38 27.82 1.37
CA ASN C 233 -13.53 28.00 -0.07
C ASN C 233 -12.58 27.15 -0.90
N LEU C 234 -12.13 26.03 -0.35
CA LEU C 234 -11.14 25.23 -1.04
C LEU C 234 -11.73 23.98 -1.71
N ASP C 235 -13.02 23.75 -1.52
CA ASP C 235 -13.67 22.51 -1.98
C ASP C 235 -12.99 21.33 -1.30
N VAL C 236 -12.70 21.51 -0.02
CA VAL C 236 -12.17 20.44 0.83
C VAL C 236 -13.30 19.91 1.70
N ILE C 237 -13.32 18.59 1.90
CA ILE C 237 -14.42 17.93 2.60
C ILE C 237 -14.02 17.45 3.99
N LYS C 238 -14.81 17.85 4.97
CA LYS C 238 -14.63 17.42 6.34
C LYS C 238 -15.24 16.04 6.52
N VAL C 239 -14.45 15.08 6.99
CA VAL C 239 -15.00 13.76 7.25
C VAL C 239 -15.87 13.86 8.47
N PRO C 240 -17.15 13.48 8.35
CA PRO C 240 -18.11 13.52 9.47
C PRO C 240 -17.59 12.83 10.71
N PHE C 241 -17.71 13.49 11.85
CA PHE C 241 -17.38 12.97 13.18
C PHE C 241 -15.93 12.57 13.37
N LEU C 242 -15.10 12.90 12.39
CA LEU C 242 -13.67 12.61 12.49
C LEU C 242 -12.86 13.88 12.19
N PRO C 243 -11.64 14.00 12.75
CA PRO C 243 -10.81 15.19 12.59
C PRO C 243 -10.03 15.23 11.29
N PHE C 244 -10.58 14.68 10.22
CA PHE C 244 -9.84 14.63 8.97
C PHE C 244 -10.48 15.44 7.84
N TYR C 245 -9.63 16.02 7.00
CA TYR C 245 -10.09 16.72 5.79
C TYR C 245 -9.62 15.95 4.56
N VAL C 246 -10.52 15.83 3.58
CA VAL C 246 -10.34 14.97 2.43
C VAL C 246 -10.56 15.81 1.15
N THR C 247 -9.90 15.47 0.06
CA THR C 247 -9.96 16.28 -1.15
C THR C 247 -9.66 15.50 -2.42
N LEU C 248 -10.01 16.06 -3.57
CA LEU C 248 -9.51 15.52 -4.84
C LEU C 248 -8.02 15.81 -4.95
N CYS C 249 -7.24 14.83 -5.39
CA CYS C 249 -5.78 15.00 -5.41
C CYS C 249 -5.34 16.09 -6.41
N ASN C 250 -6.17 16.39 -7.40
CA ASN C 250 -5.80 17.38 -8.39
C ASN C 250 -6.46 18.73 -8.10
N ASN C 251 -6.87 18.94 -6.85
CA ASN C 251 -7.58 20.17 -6.46
C ASN C 251 -6.69 21.39 -6.61
N SER C 252 -6.94 22.19 -7.65
CA SER C 252 -6.05 23.28 -7.97
C SER C 252 -6.22 24.48 -7.04
N LYS C 253 -7.17 24.43 -6.12
CA LYS C 253 -7.38 25.55 -5.19
C LYS C 253 -6.55 25.41 -3.91
N LEU C 254 -5.92 24.25 -3.73
CA LEU C 254 -5.12 24.01 -2.52
C LEU C 254 -3.95 24.99 -2.47
N PRO C 255 -3.75 25.66 -1.34
CA PRO C 255 -2.79 26.75 -1.22
C PRO C 255 -1.36 26.30 -0.92
N THR C 256 -0.42 27.21 -1.10
CA THR C 256 0.98 26.94 -0.82
C THR C 256 1.40 27.68 0.45
N PHE C 257 1.98 26.96 1.41
CA PHE C 257 2.58 27.59 2.59
C PHE C 257 3.78 28.42 2.14
N GLU C 258 3.91 29.61 2.71
CA GLU C 258 5.03 30.45 2.40
C GLU C 258 5.63 30.96 3.68
N PHE C 259 6.89 30.62 3.94
CA PHE C 259 7.59 31.06 5.12
C PHE C 259 8.79 31.91 4.68
N THR C 260 8.88 33.15 5.17
CA THR C 260 9.95 34.04 4.74
C THR C 260 10.74 34.67 5.88
N SER C 261 12.04 34.85 5.64
CA SER C 261 12.89 35.65 6.51
C SER C 261 13.70 36.56 5.61
N GLU C 262 14.66 37.29 6.18
CA GLU C 262 15.56 38.11 5.36
C GLU C 262 16.55 37.29 4.55
N ASN C 263 16.87 36.10 5.02
CA ASN C 263 17.93 35.33 4.38
C ASN C 263 17.39 34.37 3.32
N GLY C 264 16.13 34.00 3.43
CA GLY C 264 15.56 33.02 2.52
C GLY C 264 14.05 32.99 2.46
N LYS C 265 13.55 32.13 1.59
CA LYS C 265 12.12 31.95 1.37
C LYS C 265 11.81 30.48 1.16
N TYR C 266 10.91 29.92 1.95
CA TYR C 266 10.62 28.48 1.88
C TYR C 266 9.15 28.30 1.65
N THR C 267 8.80 27.41 0.72
CA THR C 267 7.43 27.21 0.39
C THR C 267 7.12 25.73 0.48
N LEU C 268 5.87 25.42 0.79
CA LEU C 268 5.46 24.03 0.86
C LEU C 268 4.20 23.87 0.03
N GLU C 269 4.36 23.27 -1.14
CA GLU C 269 3.25 23.14 -2.09
C GLU C 269 2.36 21.98 -1.69
N PRO C 270 1.12 21.97 -2.20
CA PRO C 270 0.17 20.96 -1.72
C PRO C 270 0.62 19.51 -1.76
N GLU C 271 1.40 19.11 -2.76
CA GLU C 271 1.80 17.71 -2.84
C GLU C 271 2.53 17.21 -1.59
N TYR C 272 3.22 18.10 -0.89
CA TYR C 272 4.03 17.67 0.23
C TYR C 272 3.17 17.46 1.48
N TYR C 273 1.94 17.98 1.47
CA TYR C 273 1.08 17.74 2.63
C TYR C 273 -0.16 16.92 2.29
N LEU C 274 -0.20 16.41 1.07
CA LEU C 274 -1.27 15.53 0.65
C LEU C 274 -0.89 14.03 0.86
N GLN C 275 -1.76 13.28 1.52
CA GLN C 275 -1.60 11.83 1.62
C GLN C 275 -2.61 11.20 0.68
N HIS C 276 -2.12 10.30 -0.15
CA HIS C 276 -2.97 9.69 -1.18
C HIS C 276 -3.68 8.46 -0.66
N ILE C 277 -5.00 8.49 -0.71
CA ILE C 277 -5.79 7.34 -0.30
C ILE C 277 -6.03 6.39 -1.46
N GLU C 278 -6.58 6.93 -2.54
CA GLU C 278 -6.83 6.11 -3.72
C GLU C 278 -6.63 6.96 -4.95
N ASP C 279 -5.75 6.50 -5.84
CA ASP C 279 -5.46 7.25 -7.05
C ASP C 279 -6.31 6.77 -8.21
N VAL C 280 -7.62 6.86 -8.06
CA VAL C 280 -8.58 6.61 -9.12
C VAL C 280 -9.05 7.95 -9.70
N GLY C 281 -9.01 8.07 -11.02
CA GLY C 281 -9.39 9.31 -11.67
C GLY C 281 -8.68 10.56 -11.16
N PRO C 282 -9.45 11.51 -10.63
CA PRO C 282 -8.88 12.75 -10.07
C PRO C 282 -8.11 12.46 -8.78
N GLY C 283 -8.37 11.29 -8.18
CA GLY C 283 -7.66 10.89 -6.98
C GLY C 283 -8.35 11.32 -5.71
N LEU C 284 -8.27 10.50 -4.67
CA LEU C 284 -8.78 10.87 -3.35
C LEU C 284 -7.62 11.06 -2.38
N CYS C 285 -7.49 12.26 -1.83
CA CYS C 285 -6.41 12.59 -0.90
C CYS C 285 -6.92 13.09 0.44
N MET C 286 -6.05 13.05 1.44
CA MET C 286 -6.33 13.57 2.78
C MET C 286 -5.31 14.64 3.16
N LEU C 287 -5.73 15.73 3.81
CA LEU C 287 -4.75 16.73 4.24
C LEU C 287 -3.96 16.27 5.45
N ASN C 288 -2.65 16.32 5.33
CA ASN C 288 -1.76 16.01 6.43
C ASN C 288 -1.43 17.27 7.21
N ILE C 289 -2.47 17.99 7.64
CA ILE C 289 -2.30 19.24 8.38
C ILE C 289 -3.12 19.19 9.64
N ILE C 290 -2.52 19.59 10.75
CA ILE C 290 -3.16 19.50 12.05
C ILE C 290 -3.18 20.85 12.74
N GLY C 291 -4.32 21.19 13.33
CA GLY C 291 -4.43 22.40 14.14
C GLY C 291 -3.85 22.17 15.51
N LEU C 292 -3.04 23.09 16.00
CA LEU C 292 -2.44 22.96 17.32
C LEU C 292 -2.04 24.32 17.84
N ASP C 293 -2.50 24.68 19.03
CA ASP C 293 -2.24 26.03 19.51
C ASP C 293 -1.20 26.05 20.64
N PHE C 294 -0.20 26.91 20.48
CA PHE C 294 0.83 27.15 21.47
C PHE C 294 0.58 28.54 22.03
N PRO C 295 1.10 28.83 23.24
CA PRO C 295 0.96 30.16 23.85
C PRO C 295 1.43 31.27 22.89
N VAL C 296 2.53 30.99 22.21
CA VAL C 296 3.05 31.81 21.11
C VAL C 296 2.72 31.16 19.76
N PRO C 297 2.20 31.96 18.81
CA PRO C 297 1.84 31.43 17.48
C PRO C 297 2.96 30.56 16.88
N THR C 298 2.62 29.32 16.59
CA THR C 298 3.67 28.35 16.29
C THR C 298 3.29 27.42 15.14
N PHE C 299 4.23 27.21 14.25
CA PHE C 299 4.13 26.16 13.26
C PHE C 299 5.09 25.04 13.59
N ILE C 300 4.65 23.81 13.41
CA ILE C 300 5.61 22.72 13.48
C ILE C 300 5.90 22.28 12.06
N LEU C 301 7.12 22.54 11.60
CA LEU C 301 7.53 22.12 10.28
C LEU C 301 8.03 20.69 10.42
N GLY C 302 7.11 19.74 10.30
CA GLY C 302 7.44 18.33 10.48
C GLY C 302 7.96 17.65 9.23
N ASP C 303 7.78 16.34 9.17
CA ASP C 303 8.25 15.53 8.04
C ASP C 303 7.86 16.01 6.64
N PRO C 304 6.62 16.51 6.46
CA PRO C 304 6.28 16.98 5.11
C PRO C 304 7.19 18.11 4.61
N PHE C 305 7.62 18.97 5.53
CA PHE C 305 8.54 20.05 5.21
C PHE C 305 9.97 19.53 4.94
N MET C 306 10.44 18.67 5.84
CA MET C 306 11.78 18.10 5.77
C MET C 306 11.89 17.14 4.60
N ARG C 307 10.76 16.71 4.07
CA ARG C 307 10.77 15.90 2.86
C ARG C 307 11.21 16.76 1.67
N LYS C 308 10.75 18.00 1.63
CA LYS C 308 11.10 18.91 0.54
C LYS C 308 12.47 19.50 0.76
N TYR C 309 12.76 19.87 2.01
CA TYR C 309 13.97 20.58 2.35
C TYR C 309 14.96 19.80 3.18
N PHE C 310 16.18 19.70 2.63
CA PHE C 310 17.33 19.25 3.39
C PHE C 310 17.57 20.22 4.54
N THR C 311 17.83 19.69 5.72
CA THR C 311 17.96 20.55 6.88
C THR C 311 19.26 20.34 7.65
N VAL C 312 19.83 21.43 8.16
CA VAL C 312 21.07 21.40 8.91
C VAL C 312 20.85 21.87 10.33
N PHE C 313 21.33 21.09 11.28
CA PHE C 313 21.11 21.43 12.68
C PHE C 313 22.46 21.69 13.36
N ASP C 314 22.79 22.98 13.51
CA ASP C 314 24.11 23.44 13.92
C ASP C 314 24.09 23.90 15.38
N TYR C 315 24.68 23.08 16.25
CA TYR C 315 24.80 23.43 17.67
C TYR C 315 25.77 24.58 17.88
N ASP C 316 26.90 24.53 17.17
CA ASP C 316 27.95 25.54 17.32
C ASP C 316 27.48 26.94 16.97
N ASN C 317 26.73 27.06 15.88
CA ASN C 317 26.27 28.36 15.45
C ASN C 317 24.82 28.64 15.75
N HIS C 318 24.22 27.76 16.54
CA HIS C 318 22.85 27.95 17.04
C HIS C 318 21.89 28.30 15.94
N SER C 319 21.85 27.52 14.88
CA SER C 319 20.95 27.85 13.79
C SER C 319 20.51 26.62 12.99
N VAL C 320 19.47 26.80 12.18
CA VAL C 320 19.02 25.77 11.27
C VAL C 320 19.32 26.15 9.82
N GLY C 321 20.00 25.26 9.11
CA GLY C 321 20.27 25.48 7.71
C GLY C 321 19.22 24.78 6.87
N ILE C 322 18.75 25.46 5.83
CA ILE C 322 17.71 24.96 4.95
C ILE C 322 18.09 25.06 3.48
N ALA C 323 17.94 23.96 2.73
CA ALA C 323 18.15 23.97 1.29
C ALA C 323 17.27 22.92 0.63
N LEU C 324 17.02 23.10 -0.67
CA LEU C 324 16.15 22.20 -1.41
C LEU C 324 16.79 20.81 -1.47
N ALA C 325 16.06 19.80 -0.98
CA ALA C 325 16.63 18.45 -0.98
C ALA C 325 16.81 17.97 -2.41
N LYS C 326 17.95 17.36 -2.68
CA LYS C 326 18.22 16.81 -4.00
C LYS C 326 17.18 15.74 -4.30
N LYS C 327 16.66 15.79 -5.52
CA LYS C 327 15.57 14.91 -5.93
C LYS C 327 16.05 13.46 -6.02
N ASN C 328 17.36 13.28 -6.23
CA ASN C 328 17.92 11.95 -6.33
C ASN C 328 19.31 11.85 -5.69
N LEU C 329 19.68 10.68 -5.19
CA LEU C 329 21.03 10.49 -4.67
C LEU C 329 21.95 9.86 -5.70
#